data_7V3K
#
_entry.id   7V3K
#
_cell.length_a   114.864
_cell.length_b   114.864
_cell.length_c   264.506
_cell.angle_alpha   90.000
_cell.angle_beta   90.000
_cell.angle_gamma   90.000
#
_symmetry.space_group_name_H-M   'P 4 21 2'
#
loop_
_entity.id
_entity.type
_entity.pdbx_description
1 polymer 'Putative lipase'
2 non-polymer 'OLEIC ACID'
3 non-polymer 2-acetamido-2-deoxy-beta-D-glucopyranose
4 non-polymer GLYCEROL
5 non-polymer 'CALCIUM ION'
6 water water
#
_entity_poly.entity_id   1
_entity_poly.type   'polypeptide(L)'
_entity_poly.pdbx_seq_one_letter_code
;MDIGINSDPNSATVASDPVGPEQISFLPAKLYSSLAPTALPPGTNDWTCQPSAAHPRPVVLVHGTWANRYDSFAMIAPHL
KRAGYCVYALNYGDENVSVLGQLPGLYATQTIKPAGGEISSFVDQVLDSTGADQVDMFGWSQGGIAARSYLKFYGGTNAA
NPAANKVKNLITFGATNHGTTLSGLGALAGQLAPATIPPVLGPAAADQLIDSPFLTELNAGGDTQPGVTYTIIGSRYDEV
STPYQRTFLTAGPGATVNNITLQNGCEIDLSDHLSGLYSYRLVGLVKKALDPTGNVYVPCLPNAPVLEHHHHHH
;
_entity_poly.pdbx_strand_id   A,C,D,B
#
loop_
_chem_comp.id
_chem_comp.type
_chem_comp.name
_chem_comp.formula
CA non-polymer 'CALCIUM ION' 'Ca 2'
GOL non-polymer GLYCEROL 'C3 H8 O3'
NAG D-saccharide, beta linking 2-acetamido-2-deoxy-beta-D-glucopyranose 'C8 H15 N O6'
OLA non-polymer 'OLEIC ACID' 'C18 H34 O2'
#
# COMPACT_ATOMS: atom_id res chain seq x y z
N SER A 16 14.62 24.63 -17.69
CA SER A 16 14.20 25.21 -18.95
C SER A 16 15.07 24.67 -20.10
N ASP A 17 15.44 23.38 -19.96
CA ASP A 17 16.21 22.63 -20.96
C ASP A 17 15.91 21.12 -21.01
N PRO A 18 15.08 20.54 -20.12
CA PRO A 18 14.66 19.16 -20.36
C PRO A 18 13.79 19.08 -21.60
N VAL A 19 14.07 18.08 -22.44
CA VAL A 19 13.37 17.88 -23.70
C VAL A 19 12.33 16.79 -23.51
N GLY A 20 11.08 17.10 -23.84
CA GLY A 20 10.01 16.13 -23.76
C GLY A 20 9.78 15.39 -25.06
N PRO A 21 8.94 14.35 -25.02
CA PRO A 21 8.63 13.60 -26.25
C PRO A 21 7.71 14.37 -27.18
N GLU A 22 7.80 14.03 -28.46
CA GLU A 22 6.77 14.42 -29.41
C GLU A 22 5.41 13.92 -28.95
N GLN A 23 4.40 14.76 -29.13
CA GLN A 23 3.02 14.45 -28.83
C GLN A 23 2.19 14.57 -30.11
N ILE A 24 0.99 14.00 -30.09
CA ILE A 24 0.09 14.10 -31.25
C ILE A 24 -1.31 14.51 -30.79
N SER A 25 -1.47 14.80 -29.50
CA SER A 25 -2.71 15.30 -28.94
C SER A 25 -2.39 16.35 -27.88
N PHE A 26 -3.28 17.35 -27.71
CA PHE A 26 -2.96 18.47 -26.84
C PHE A 26 -2.98 18.06 -25.38
N LEU A 27 -4.02 17.37 -24.94
CA LEU A 27 -4.18 17.19 -23.49
C LEU A 27 -3.08 16.31 -22.89
N PRO A 28 -2.70 15.20 -23.53
CA PRO A 28 -1.52 14.48 -23.02
C PRO A 28 -0.30 15.37 -22.92
N ALA A 29 -0.13 16.28 -23.88
CA ALA A 29 1.01 17.20 -23.82
C ALA A 29 0.89 18.13 -22.62
N LYS A 30 -0.30 18.65 -22.38
CA LYS A 30 -0.49 19.55 -21.24
C LYS A 30 -0.20 18.82 -19.94
N LEU A 31 -0.77 17.62 -19.78
CA LEU A 31 -0.46 16.79 -18.62
C LEU A 31 1.04 16.59 -18.45
N TYR A 32 1.72 16.16 -19.52
CA TYR A 32 3.17 16.03 -19.42
C TYR A 32 3.79 17.31 -18.87
N SER A 33 3.40 18.45 -19.44
CA SER A 33 4.03 19.71 -19.06
C SER A 33 3.77 20.03 -17.60
N SER A 34 2.64 19.58 -17.04
CA SER A 34 2.30 19.92 -15.65
C SER A 34 3.31 19.33 -14.67
N LEU A 35 3.98 18.25 -15.05
CA LEU A 35 5.03 17.66 -14.24
C LEU A 35 6.42 18.13 -14.65
N ALA A 36 6.55 18.74 -15.82
CA ALA A 36 7.82 19.26 -16.32
C ALA A 36 7.54 20.57 -17.04
N PRO A 37 7.18 21.62 -16.31
CA PRO A 37 6.65 22.84 -16.96
C PRO A 37 7.69 23.65 -17.71
N THR A 38 8.98 23.31 -17.65
CA THR A 38 9.98 23.97 -18.49
C THR A 38 10.41 23.11 -19.67
N ALA A 39 9.72 21.99 -19.91
CA ALA A 39 10.12 21.09 -20.98
C ALA A 39 10.12 21.82 -22.31
N LEU A 40 11.05 21.45 -23.16
CA LEU A 40 11.08 21.86 -24.54
C LEU A 40 10.39 20.80 -25.39
N PRO A 41 9.60 21.17 -26.38
CA PRO A 41 9.23 20.19 -27.41
C PRO A 41 10.48 19.75 -28.15
N PRO A 42 10.47 18.57 -28.77
CA PRO A 42 11.65 18.12 -29.51
C PRO A 42 12.03 19.11 -30.60
N GLY A 43 13.32 19.06 -30.95
CA GLY A 43 13.85 19.80 -32.08
C GLY A 43 13.97 21.28 -31.85
N THR A 44 13.95 21.73 -30.58
CA THR A 44 13.75 23.13 -30.24
C THR A 44 14.77 23.65 -29.25
N ASN A 45 15.27 24.86 -29.54
CA ASN A 45 16.31 25.52 -28.74
C ASN A 45 17.60 24.71 -28.73
N ASP A 46 18.02 24.28 -29.91
CA ASP A 46 19.38 23.78 -30.10
C ASP A 46 20.21 24.98 -30.51
N TRP A 47 20.91 25.56 -29.56
CA TRP A 47 21.64 26.77 -29.86
C TRP A 47 22.87 26.51 -30.71
N THR A 48 23.11 25.27 -31.16
CA THR A 48 24.12 25.04 -32.18
C THR A 48 23.56 25.10 -33.59
N CYS A 49 22.25 25.27 -33.76
CA CYS A 49 21.63 25.11 -35.07
C CYS A 49 21.96 26.30 -35.96
N GLN A 50 22.41 26.01 -37.19
CA GLN A 50 22.66 27.04 -38.19
C GLN A 50 21.61 26.96 -39.28
N PRO A 51 20.83 27.99 -39.53
CA PRO A 51 19.85 27.92 -40.62
C PRO A 51 20.53 27.59 -41.94
N SER A 52 19.88 26.73 -42.71
CA SER A 52 20.33 26.34 -44.03
C SER A 52 20.07 27.45 -45.04
N ALA A 53 20.56 27.27 -46.26
CA ALA A 53 20.27 28.24 -47.30
C ALA A 53 18.83 28.13 -47.78
N ALA A 54 18.27 26.92 -47.77
CA ALA A 54 16.88 26.76 -48.21
C ALA A 54 15.89 27.32 -47.21
N HIS A 55 16.29 27.48 -45.95
CA HIS A 55 15.41 27.98 -44.89
C HIS A 55 16.23 28.84 -43.95
N PRO A 56 16.62 30.05 -44.39
CA PRO A 56 17.61 30.84 -43.64
C PRO A 56 17.05 31.57 -42.44
N ARG A 57 15.72 31.61 -42.28
CA ARG A 57 15.19 32.30 -41.10
C ARG A 57 14.86 31.31 -40.01
N PRO A 58 15.35 31.52 -38.79
CA PRO A 58 14.88 30.71 -37.65
C PRO A 58 13.39 30.93 -37.44
N VAL A 59 12.72 29.94 -36.84
CA VAL A 59 11.30 30.03 -36.50
C VAL A 59 11.15 30.11 -34.98
N VAL A 60 10.41 31.12 -34.51
CA VAL A 60 10.18 31.32 -33.09
C VAL A 60 8.70 31.01 -32.81
N LEU A 61 8.46 30.15 -31.83
CA LEU A 61 7.12 29.71 -31.47
C LEU A 61 6.68 30.37 -30.15
N VAL A 62 5.51 31.02 -30.17
CA VAL A 62 5.00 31.79 -29.04
C VAL A 62 3.66 31.19 -28.60
N HIS A 63 3.63 30.66 -27.38
CA HIS A 63 2.51 29.88 -26.86
C HIS A 63 1.36 30.78 -26.42
N GLY A 64 0.25 30.16 -26.00
CA GLY A 64 -0.96 30.85 -25.65
C GLY A 64 -1.19 30.91 -24.15
N THR A 65 -2.33 31.48 -23.80
CA THR A 65 -2.71 31.73 -22.40
C THR A 65 -2.81 30.41 -21.63
N TRP A 66 -2.32 30.42 -20.38
CA TRP A 66 -2.32 29.26 -19.51
C TRP A 66 -1.59 28.08 -20.12
N ALA A 67 -0.74 28.32 -21.12
CA ALA A 67 -0.04 27.27 -21.85
C ALA A 67 1.48 27.49 -21.76
N ASN A 68 2.22 26.69 -22.52
CA ASN A 68 3.68 26.75 -22.52
C ASN A 68 4.19 26.30 -23.89
N ARG A 69 5.51 26.36 -24.06
CA ARG A 69 6.09 25.94 -25.33
C ARG A 69 5.87 24.44 -25.57
N TYR A 70 5.79 23.64 -24.51
CA TYR A 70 5.66 22.20 -24.72
C TYR A 70 4.26 21.81 -25.19
N ASP A 71 3.24 22.09 -24.37
CA ASP A 71 1.91 21.65 -24.77
C ASP A 71 1.46 22.33 -26.07
N SER A 72 2.00 23.51 -26.36
CA SER A 72 1.57 24.19 -27.58
C SER A 72 2.25 23.60 -28.81
N PHE A 73 3.54 23.25 -28.73
CA PHE A 73 4.27 22.95 -29.96
C PHE A 73 4.86 21.55 -29.99
N ALA A 74 4.41 20.65 -29.13
CA ALA A 74 4.96 19.31 -29.09
C ALA A 74 4.65 18.50 -30.35
N MET A 75 3.77 18.98 -31.22
CA MET A 75 3.65 18.48 -32.58
C MET A 75 4.25 19.44 -33.59
N ILE A 76 3.91 20.73 -33.50
CA ILE A 76 4.33 21.67 -34.53
C ILE A 76 5.85 21.74 -34.62
N ALA A 77 6.52 21.80 -33.48
CA ALA A 77 7.97 21.97 -33.50
C ALA A 77 8.70 20.78 -34.13
N PRO A 78 8.51 19.53 -33.68
CA PRO A 78 9.16 18.41 -34.39
C PRO A 78 8.90 18.41 -35.89
N HIS A 79 7.68 18.76 -36.31
CA HIS A 79 7.41 18.78 -37.74
C HIS A 79 8.21 19.88 -38.43
N LEU A 80 8.25 21.09 -37.84
CA LEU A 80 9.05 22.16 -38.44
C LEU A 80 10.53 21.78 -38.48
N LYS A 81 11.01 21.12 -37.42
CA LYS A 81 12.40 20.68 -37.36
C LYS A 81 12.71 19.69 -38.48
N ARG A 82 11.83 18.72 -38.68
CA ARG A 82 12.02 17.79 -39.80
C ARG A 82 11.87 18.47 -41.16
N ALA A 83 11.14 19.57 -41.26
CA ALA A 83 11.12 20.29 -42.53
C ALA A 83 12.37 21.10 -42.78
N GLY A 84 13.28 21.18 -41.81
CA GLY A 84 14.58 21.76 -42.01
C GLY A 84 14.81 23.14 -41.41
N TYR A 85 14.00 23.56 -40.44
CA TYR A 85 14.14 24.88 -39.86
C TYR A 85 14.89 24.76 -38.54
N CYS A 86 15.60 25.82 -38.18
CA CYS A 86 16.06 25.99 -36.81
C CYS A 86 14.90 26.56 -35.99
N VAL A 87 14.49 25.85 -34.93
CA VAL A 87 13.23 26.12 -34.23
C VAL A 87 13.55 26.57 -32.80
N TYR A 88 12.88 27.64 -32.36
CA TYR A 88 13.13 28.23 -31.05
C TYR A 88 11.82 28.62 -30.39
N ALA A 89 11.74 28.42 -29.07
CA ALA A 89 10.51 28.71 -28.33
C ALA A 89 10.82 29.12 -26.89
N LEU A 90 10.06 30.09 -26.39
CA LEU A 90 10.21 30.60 -25.04
C LEU A 90 8.95 30.35 -24.22
N ASN A 91 9.10 30.45 -22.90
CA ASN A 91 7.98 30.63 -22.00
C ASN A 91 7.98 32.08 -21.54
N TYR A 92 6.80 32.69 -21.45
CA TYR A 92 6.69 34.11 -21.17
C TYR A 92 5.45 34.37 -20.32
N GLY A 93 5.33 35.64 -19.87
CA GLY A 93 4.16 36.05 -19.11
C GLY A 93 3.92 35.27 -17.84
N ASP A 94 4.97 34.72 -17.25
CA ASP A 94 4.84 34.02 -15.99
C ASP A 94 4.70 35.00 -14.84
N GLU A 95 3.64 34.85 -14.06
CA GLU A 95 3.48 35.56 -12.80
C GLU A 95 2.94 34.57 -11.77
N ASN A 96 2.96 34.99 -10.50
CA ASN A 96 2.67 34.09 -9.40
C ASN A 96 1.60 34.66 -8.46
N VAL A 97 0.87 35.67 -8.89
CA VAL A 97 -0.10 36.32 -8.03
C VAL A 97 -1.51 35.78 -8.23
N SER A 98 -1.88 35.49 -9.48
CA SER A 98 -3.19 34.95 -9.81
C SER A 98 -3.26 33.48 -9.39
N VAL A 99 -4.48 32.98 -9.21
CA VAL A 99 -4.62 31.60 -8.79
C VAL A 99 -4.17 30.66 -9.90
N LEU A 100 -4.69 30.84 -11.12
CA LEU A 100 -4.22 30.00 -12.23
C LEU A 100 -2.74 30.17 -12.46
N GLY A 101 -2.23 31.40 -12.30
CA GLY A 101 -0.81 31.65 -12.46
C GLY A 101 0.06 30.80 -11.55
N GLN A 102 -0.50 30.30 -10.46
CA GLN A 102 0.23 29.40 -9.58
C GLN A 102 0.15 27.95 -10.04
N LEU A 103 -0.45 27.67 -11.15
CA LEU A 103 -0.38 26.24 -11.39
C LEU A 103 0.76 25.92 -12.36
N PRO A 104 1.33 24.71 -12.25
CA PRO A 104 2.56 24.42 -13.01
C PRO A 104 2.33 24.46 -14.52
N GLY A 105 3.15 25.26 -15.21
CA GLY A 105 3.13 25.31 -16.66
C GLY A 105 2.00 26.09 -17.28
N LEU A 106 1.19 26.81 -16.48
CA LEU A 106 0.23 27.77 -17.02
C LEU A 106 0.93 29.11 -17.07
N TYR A 107 1.49 29.45 -18.21
CA TYR A 107 2.21 30.70 -18.38
C TYR A 107 1.34 31.70 -19.11
N ALA A 108 1.94 32.80 -19.54
CA ALA A 108 1.24 33.91 -20.23
C ALA A 108 -0.07 34.26 -19.51
N THR A 109 0.03 34.43 -18.18
CA THR A 109 -1.03 35.00 -17.37
C THR A 109 -0.80 36.47 -17.07
N GLN A 110 0.43 36.92 -17.18
CA GLN A 110 0.74 38.33 -16.95
C GLN A 110 0.05 39.18 -17.99
N THR A 111 -0.11 40.46 -17.66
CA THR A 111 -0.66 41.40 -18.63
C THR A 111 0.19 41.33 -19.90
N ILE A 112 -0.47 41.52 -21.04
CA ILE A 112 0.12 41.04 -22.29
C ILE A 112 1.25 41.96 -22.79
N LYS A 113 1.04 43.29 -22.85
CA LYS A 113 1.97 44.20 -23.52
C LYS A 113 3.43 43.84 -23.24
N PRO A 114 3.85 43.82 -21.98
CA PRO A 114 5.25 43.53 -21.67
C PRO A 114 5.77 42.20 -22.22
N ALA A 115 4.89 41.28 -22.65
CA ALA A 115 5.37 40.05 -23.28
C ALA A 115 6.24 40.37 -24.50
N GLY A 116 5.87 41.41 -25.25
CA GLY A 116 6.71 41.84 -26.36
C GLY A 116 8.15 41.99 -25.94
N GLY A 117 8.37 42.61 -24.78
CA GLY A 117 9.73 42.76 -24.29
C GLY A 117 10.44 41.43 -24.14
N GLU A 118 9.81 40.47 -23.43
CA GLU A 118 10.40 39.15 -23.33
C GLU A 118 10.71 38.59 -24.72
N ILE A 119 9.76 38.74 -25.65
CA ILE A 119 10.00 38.19 -26.97
C ILE A 119 11.20 38.86 -27.61
N SER A 120 11.32 40.18 -27.46
CA SER A 120 12.50 40.87 -27.96
C SER A 120 13.77 40.22 -27.44
N SER A 121 13.89 40.11 -26.11
CA SER A 121 15.04 39.42 -25.55
C SER A 121 15.29 38.10 -26.27
N PHE A 122 14.26 37.26 -26.34
CA PHE A 122 14.43 35.94 -26.92
C PHE A 122 14.90 36.05 -28.35
N VAL A 123 14.24 36.91 -29.13
CA VAL A 123 14.58 37.04 -30.54
C VAL A 123 16.03 37.47 -30.68
N ASP A 124 16.49 38.39 -29.84
CA ASP A 124 17.88 38.82 -29.94
C ASP A 124 18.82 37.64 -29.74
N GLN A 125 18.57 36.82 -28.69
CA GLN A 125 19.43 35.66 -28.47
C GLN A 125 19.39 34.74 -29.68
N VAL A 126 18.24 34.66 -30.35
CA VAL A 126 18.16 33.78 -31.52
C VAL A 126 19.00 34.35 -32.65
N LEU A 127 18.89 35.65 -32.91
CA LEU A 127 19.65 36.23 -34.02
C LEU A 127 21.14 36.08 -33.76
N ASP A 128 21.58 36.51 -32.57
CA ASP A 128 22.97 36.34 -32.15
C ASP A 128 23.44 34.90 -32.34
N SER A 129 22.60 33.93 -31.98
CA SER A 129 23.07 32.55 -32.00
C SER A 129 23.26 32.01 -33.41
N THR A 130 22.51 32.56 -34.40
CA THR A 130 22.43 31.93 -35.71
C THR A 130 23.03 32.76 -36.83
N GLY A 131 23.46 33.98 -36.54
CA GLY A 131 23.91 34.88 -37.59
C GLY A 131 22.84 35.36 -38.54
N ALA A 132 21.58 35.11 -38.25
CA ALA A 132 20.52 35.41 -39.19
C ALA A 132 20.07 36.88 -39.08
N ASP A 133 19.57 37.41 -40.20
CA ASP A 133 19.06 38.77 -40.17
C ASP A 133 17.67 38.82 -39.55
N GLN A 134 16.79 37.91 -39.92
CA GLN A 134 15.42 37.96 -39.46
C GLN A 134 15.01 36.63 -38.84
N VAL A 135 13.85 36.63 -38.19
CA VAL A 135 13.17 35.42 -37.78
C VAL A 135 11.82 35.41 -38.46
N ASP A 136 11.24 34.22 -38.55
CA ASP A 136 9.82 34.04 -38.73
C ASP A 136 9.23 33.61 -37.41
N MET A 137 7.94 33.86 -37.23
CA MET A 137 7.31 33.77 -35.92
C MET A 137 5.94 33.13 -36.08
N PHE A 138 5.58 32.27 -35.13
CA PHE A 138 4.25 31.67 -35.07
C PHE A 138 3.68 31.86 -33.68
N GLY A 139 2.44 32.33 -33.61
CA GLY A 139 1.76 32.55 -32.35
C GLY A 139 0.44 31.82 -32.24
N TRP A 140 0.24 31.11 -31.13
CA TRP A 140 -1.05 30.50 -30.83
C TRP A 140 -1.79 31.40 -29.84
N SER A 141 -3.03 31.79 -30.18
CA SER A 141 -3.93 32.57 -29.32
C SER A 141 -3.18 33.80 -28.83
N GLN A 142 -3.06 34.00 -27.52
CA GLN A 142 -2.38 35.19 -27.01
C GLN A 142 -1.02 35.38 -27.68
N GLY A 143 -0.32 34.29 -28.02
CA GLY A 143 0.98 34.42 -28.65
C GLY A 143 0.97 35.30 -29.88
N GLY A 144 -0.11 35.24 -30.67
CA GLY A 144 -0.22 36.14 -31.82
C GLY A 144 -0.15 37.60 -31.43
N ILE A 145 -0.98 38.03 -30.47
CA ILE A 145 -1.01 39.46 -30.16
C ILE A 145 0.18 39.85 -29.28
N ALA A 146 0.65 38.95 -28.40
CA ALA A 146 1.96 39.13 -27.81
C ALA A 146 3.01 39.36 -28.90
N ALA A 147 2.96 38.57 -29.98
CA ALA A 147 3.90 38.80 -31.06
C ALA A 147 3.68 40.19 -31.64
N ARG A 148 2.43 40.57 -31.84
CA ARG A 148 2.17 41.90 -32.38
C ARG A 148 2.65 42.96 -31.41
N SER A 149 2.56 42.71 -30.09
CA SER A 149 3.15 43.67 -29.15
C SER A 149 4.63 43.87 -29.47
N TYR A 150 5.38 42.78 -29.60
CA TYR A 150 6.78 42.89 -29.96
C TYR A 150 6.97 43.68 -31.25
N LEU A 151 6.11 43.43 -32.24
CA LEU A 151 6.24 44.11 -33.51
C LEU A 151 6.08 45.62 -33.36
N LYS A 152 5.19 46.05 -32.45
CA LYS A 152 4.76 47.44 -32.41
C LYS A 152 5.46 48.26 -31.35
N PHE A 153 5.74 47.66 -30.20
CA PHE A 153 6.26 48.38 -29.05
C PHE A 153 7.65 47.95 -28.60
N TYR A 154 8.31 46.99 -29.28
CA TYR A 154 9.57 46.50 -28.73
C TYR A 154 10.59 46.16 -29.81
N GLY A 155 10.42 46.70 -31.01
CA GLY A 155 11.47 46.66 -32.00
C GLY A 155 11.49 45.46 -32.89
N GLY A 156 10.41 44.67 -32.92
CA GLY A 156 10.31 43.60 -33.90
C GLY A 156 10.13 44.09 -35.31
N THR A 157 9.82 45.36 -35.45
CA THR A 157 9.72 46.05 -36.73
C THR A 157 10.60 47.28 -36.65
N ASN A 158 10.92 47.83 -37.82
CA ASN A 158 11.73 49.02 -37.95
C ASN A 158 11.05 49.97 -38.94
N ALA A 159 10.56 51.10 -38.43
CA ALA A 159 9.83 52.04 -39.27
C ALA A 159 10.73 52.72 -40.29
N ALA A 160 11.90 53.21 -39.84
CA ALA A 160 12.86 53.84 -40.74
C ALA A 160 13.18 52.95 -41.94
N ASN A 161 13.31 51.65 -41.70
CA ASN A 161 13.79 50.72 -42.71
C ASN A 161 13.08 49.38 -42.53
N PRO A 162 11.85 49.26 -43.04
CA PRO A 162 11.12 47.99 -42.89
C PRO A 162 11.89 46.80 -43.41
N ALA A 163 12.76 47.00 -44.40
CA ALA A 163 13.52 45.89 -44.96
C ALA A 163 14.36 45.19 -43.88
N ALA A 164 14.72 45.92 -42.83
CA ALA A 164 15.48 45.37 -41.71
C ALA A 164 14.61 45.04 -40.50
N ASN A 165 13.30 44.85 -40.69
CA ASN A 165 12.49 44.26 -39.63
C ASN A 165 13.16 42.98 -39.13
N LYS A 166 13.23 42.83 -37.81
CA LYS A 166 13.74 41.58 -37.24
C LYS A 166 12.81 40.40 -37.50
N VAL A 167 11.53 40.68 -37.74
CA VAL A 167 10.53 39.66 -38.03
C VAL A 167 10.09 39.83 -39.48
N LYS A 168 10.10 38.74 -40.24
CA LYS A 168 9.62 38.80 -41.62
C LYS A 168 8.20 38.28 -41.73
N ASN A 169 7.95 37.04 -41.30
CA ASN A 169 6.60 36.49 -41.27
C ASN A 169 6.08 36.38 -39.85
N LEU A 170 4.83 36.81 -39.67
CA LEU A 170 4.04 36.43 -38.51
C LEU A 170 2.93 35.51 -39.01
N ILE A 171 2.92 34.28 -38.49
CA ILE A 171 1.86 33.30 -38.71
C ILE A 171 1.16 33.07 -37.37
N THR A 172 -0.16 33.06 -37.37
CA THR A 172 -0.93 32.89 -36.14
C THR A 172 -2.02 31.86 -36.34
N PHE A 173 -2.47 31.31 -35.22
CA PHE A 173 -3.65 30.46 -35.20
C PHE A 173 -4.52 30.87 -34.02
N GLY A 174 -5.80 31.08 -34.29
CA GLY A 174 -6.74 31.43 -33.24
C GLY A 174 -6.36 32.66 -32.43
N ALA A 175 -5.42 33.46 -32.94
CA ALA A 175 -5.03 34.69 -32.25
C ALA A 175 -6.25 35.57 -31.98
N THR A 176 -6.29 36.12 -30.77
CA THR A 176 -7.35 37.04 -30.36
C THR A 176 -7.01 38.48 -30.78
N ASN A 177 -6.79 38.64 -32.09
CA ASN A 177 -6.27 39.89 -32.62
C ASN A 177 -7.16 41.08 -32.34
N HIS A 178 -8.47 40.87 -32.22
CA HIS A 178 -9.41 41.95 -31.97
C HIS A 178 -10.32 41.60 -30.81
N GLY A 179 -9.83 40.78 -29.89
CA GLY A 179 -10.60 40.38 -28.73
C GLY A 179 -11.63 39.33 -29.08
N THR A 180 -12.19 38.73 -28.03
CA THR A 180 -13.10 37.60 -28.18
C THR A 180 -14.37 37.83 -27.38
N THR A 181 -15.48 37.33 -27.92
CA THR A 181 -16.77 37.30 -27.23
C THR A 181 -16.97 36.06 -26.38
N LEU A 182 -16.06 35.09 -26.44
CA LEU A 182 -16.20 33.85 -25.67
C LEU A 182 -17.55 33.19 -25.95
N SER A 183 -17.87 33.03 -27.23
CA SER A 183 -19.19 32.51 -27.57
C SER A 183 -19.37 31.08 -27.10
N GLY A 184 -18.27 30.38 -26.82
CA GLY A 184 -18.38 29.07 -26.22
C GLY A 184 -19.02 29.10 -24.85
N LEU A 185 -18.96 30.24 -24.16
CA LEU A 185 -19.60 30.40 -22.87
C LEU A 185 -21.07 30.80 -23.01
N GLY A 186 -21.58 30.93 -24.23
CA GLY A 186 -22.92 31.44 -24.40
C GLY A 186 -23.21 32.62 -23.49
N ALA A 187 -24.46 32.74 -23.04
CA ALA A 187 -24.87 33.90 -22.25
C ALA A 187 -24.11 34.03 -20.93
N LEU A 188 -23.31 33.02 -20.55
CA LEU A 188 -22.51 33.20 -19.34
C LEU A 188 -21.41 34.23 -19.51
N ALA A 189 -20.98 34.50 -20.76
CA ALA A 189 -19.88 35.44 -20.98
C ALA A 189 -20.25 36.83 -20.51
N GLY A 190 -21.47 37.28 -20.81
CA GLY A 190 -21.98 38.53 -20.31
C GLY A 190 -21.98 38.64 -18.80
N GLN A 191 -21.74 37.53 -18.09
CA GLN A 191 -21.78 37.54 -16.63
C GLN A 191 -20.41 37.71 -16.02
N LEU A 192 -19.34 37.43 -16.76
CA LEU A 192 -17.99 37.75 -16.28
C LEU A 192 -17.85 39.24 -16.02
N ALA A 193 -17.19 39.59 -14.92
CA ALA A 193 -16.86 40.97 -14.58
C ALA A 193 -15.38 41.23 -14.81
N PRO A 194 -14.99 42.06 -15.78
CA PRO A 194 -13.56 42.17 -16.15
C PRO A 194 -12.66 42.60 -15.01
N ALA A 195 -13.22 43.13 -13.93
CA ALA A 195 -12.41 43.54 -12.79
C ALA A 195 -12.18 42.41 -11.78
N THR A 196 -12.93 41.32 -11.86
CA THR A 196 -12.79 40.26 -10.88
C THR A 196 -11.99 39.07 -11.39
N ILE A 197 -11.72 39.00 -12.69
CA ILE A 197 -11.02 37.86 -13.26
C ILE A 197 -9.50 37.93 -13.14
N PRO A 198 -8.87 39.12 -13.13
CA PRO A 198 -7.39 39.15 -13.03
C PRO A 198 -6.88 38.30 -11.88
N PRO A 199 -7.37 38.52 -10.65
CA PRO A 199 -6.84 37.76 -9.49
C PRO A 199 -7.00 36.26 -9.64
N VAL A 200 -8.00 35.80 -10.39
CA VAL A 200 -8.32 34.38 -10.54
C VAL A 200 -7.61 33.81 -11.76
N LEU A 201 -7.89 34.38 -12.93
CA LEU A 201 -7.43 33.85 -14.21
C LEU A 201 -6.14 34.47 -14.72
N GLY A 202 -5.72 35.62 -14.18
CA GLY A 202 -4.61 36.35 -14.73
C GLY A 202 -5.05 37.55 -15.56
N PRO A 203 -4.29 38.64 -15.49
CA PRO A 203 -4.63 39.81 -16.32
C PRO A 203 -4.73 39.52 -17.81
N ALA A 204 -3.99 38.54 -18.34
CA ALA A 204 -4.05 38.23 -19.76
C ALA A 204 -5.47 37.95 -20.21
N ALA A 205 -6.24 37.27 -19.36
CA ALA A 205 -7.63 36.96 -19.72
C ALA A 205 -8.41 38.25 -19.95
N ALA A 206 -8.29 39.23 -19.04
CA ALA A 206 -9.02 40.48 -19.23
C ALA A 206 -8.47 41.27 -20.41
N ASP A 207 -7.16 41.18 -20.66
CA ASP A 207 -6.62 41.91 -21.80
C ASP A 207 -7.15 41.39 -23.13
N GLN A 208 -7.56 40.13 -23.17
CA GLN A 208 -8.08 39.56 -24.42
C GLN A 208 -9.57 39.81 -24.63
N LEU A 209 -10.23 40.57 -23.75
CA LEU A 209 -11.64 40.85 -23.94
C LEU A 209 -11.84 42.07 -24.85
N ILE A 210 -13.01 42.11 -25.48
CA ILE A 210 -13.28 43.12 -26.50
C ILE A 210 -13.14 44.53 -25.95
N ASP A 211 -12.34 45.34 -26.64
CA ASP A 211 -12.11 46.75 -26.28
C ASP A 211 -11.37 46.91 -24.97
N SER A 212 -10.63 45.88 -24.55
CA SER A 212 -9.76 46.04 -23.41
C SER A 212 -8.74 47.13 -23.70
N PRO A 213 -8.27 47.84 -22.66
CA PRO A 213 -7.19 48.82 -22.87
C PRO A 213 -6.06 48.30 -23.74
N PHE A 214 -5.55 47.09 -23.45
CA PHE A 214 -4.40 46.59 -24.20
C PHE A 214 -4.73 46.46 -25.69
N LEU A 215 -5.82 45.76 -26.01
CA LEU A 215 -6.16 45.58 -27.41
C LEU A 215 -6.44 46.92 -28.08
N THR A 216 -7.02 47.87 -27.35
CA THR A 216 -7.26 49.19 -27.92
C THR A 216 -5.95 49.85 -28.33
N GLU A 217 -4.95 49.86 -27.43
CA GLU A 217 -3.69 50.50 -27.77
C GLU A 217 -2.94 49.72 -28.83
N LEU A 218 -3.08 48.40 -28.86
CA LEU A 218 -2.37 47.59 -29.85
C LEU A 218 -2.93 47.82 -31.24
N ASN A 219 -4.26 47.87 -31.38
CA ASN A 219 -4.86 48.01 -32.69
C ASN A 219 -5.02 49.46 -33.13
N ALA A 220 -4.82 50.42 -32.21
CA ALA A 220 -4.84 51.83 -32.55
C ALA A 220 -4.00 52.11 -33.79
N GLY A 221 -4.64 52.61 -34.84
CA GLY A 221 -3.92 52.99 -36.02
C GLY A 221 -3.70 51.90 -37.05
N GLY A 222 -4.26 50.71 -36.84
CA GLY A 222 -4.13 49.65 -37.81
C GLY A 222 -3.60 48.34 -37.24
N ASP A 223 -3.81 47.24 -37.97
CA ASP A 223 -3.44 45.89 -37.56
C ASP A 223 -1.98 45.55 -37.82
N THR A 224 -1.32 46.26 -38.75
CA THR A 224 -0.03 45.83 -39.29
C THR A 224 1.03 46.91 -39.16
N GLN A 225 2.29 46.48 -39.34
CA GLN A 225 3.47 47.31 -39.50
C GLN A 225 4.08 47.08 -40.89
N PRO A 226 4.75 48.09 -41.47
CA PRO A 226 5.29 47.93 -42.83
C PRO A 226 6.35 46.83 -42.87
N GLY A 227 6.33 46.07 -43.96
CA GLY A 227 7.35 45.06 -44.19
C GLY A 227 7.08 43.70 -43.59
N VAL A 228 5.96 43.49 -42.92
CA VAL A 228 5.67 42.19 -42.35
C VAL A 228 4.68 41.47 -43.26
N THR A 229 4.93 40.16 -43.46
CA THR A 229 3.97 39.26 -44.09
C THR A 229 3.20 38.52 -43.00
N TYR A 230 1.87 38.68 -43.00
CA TYR A 230 0.98 38.09 -42.02
C TYR A 230 0.23 36.92 -42.67
N THR A 231 0.30 35.74 -42.04
CA THR A 231 -0.58 34.61 -42.36
C THR A 231 -1.41 34.32 -41.11
N ILE A 232 -2.72 34.60 -41.19
CA ILE A 232 -3.59 34.58 -40.03
C ILE A 232 -4.67 33.52 -40.25
N ILE A 233 -4.55 32.44 -39.48
CA ILE A 233 -5.38 31.24 -39.58
C ILE A 233 -6.42 31.26 -38.46
N GLY A 234 -7.65 30.94 -38.83
CA GLY A 234 -8.71 30.70 -37.87
C GLY A 234 -9.49 29.48 -38.28
N SER A 235 -10.20 28.91 -37.32
CA SER A 235 -11.01 27.74 -37.57
C SER A 235 -12.47 28.06 -37.26
N ARG A 236 -13.36 27.62 -38.16
CA ARG A 236 -14.78 27.90 -37.98
C ARG A 236 -15.26 27.41 -36.63
N TYR A 237 -14.64 26.34 -36.12
CA TYR A 237 -15.05 25.75 -34.84
C TYR A 237 -14.25 26.27 -33.66
N ASP A 238 -13.34 27.22 -33.88
CA ASP A 238 -12.70 27.85 -32.72
C ASP A 238 -13.81 28.48 -31.90
N GLU A 239 -13.98 28.10 -30.64
CA GLU A 239 -15.04 28.78 -29.91
C GLU A 239 -14.53 29.46 -28.66
N VAL A 240 -13.24 29.75 -28.66
CA VAL A 240 -12.60 30.52 -27.62
C VAL A 240 -12.23 31.92 -28.09
N SER A 241 -11.76 32.03 -29.34
CA SER A 241 -11.43 33.30 -30.00
C SER A 241 -12.55 33.58 -31.00
N THR A 242 -13.58 34.27 -30.54
CA THR A 242 -14.85 34.36 -31.26
C THR A 242 -15.33 35.79 -31.34
N PRO A 243 -16.14 36.11 -32.36
CA PRO A 243 -16.36 35.21 -33.51
C PRO A 243 -15.01 34.92 -34.19
N TYR A 244 -14.86 33.75 -34.81
CA TYR A 244 -13.52 33.34 -35.22
C TYR A 244 -12.92 34.31 -36.23
N GLN A 245 -13.76 34.91 -37.09
CA GLN A 245 -13.31 35.87 -38.11
C GLN A 245 -12.61 37.06 -37.49
N ARG A 246 -12.86 37.35 -36.22
CA ARG A 246 -12.22 38.50 -35.59
C ARG A 246 -10.71 38.35 -35.55
N THR A 247 -10.18 37.13 -35.70
CA THR A 247 -8.73 37.01 -35.72
C THR A 247 -8.13 37.65 -36.98
N PHE A 248 -8.89 37.68 -38.08
CA PHE A 248 -8.35 38.11 -39.35
C PHE A 248 -7.88 39.57 -39.29
N LEU A 249 -6.87 39.88 -40.09
CA LEU A 249 -6.24 41.20 -40.09
C LEU A 249 -6.50 41.91 -41.41
N THR A 250 -6.45 43.24 -41.36
CA THR A 250 -6.53 44.08 -42.56
C THR A 250 -5.17 44.68 -42.86
N ALA A 251 -4.71 44.50 -44.09
CA ALA A 251 -3.35 44.88 -44.46
C ALA A 251 -3.18 46.39 -44.45
N GLY A 252 -2.17 46.88 -43.74
CA GLY A 252 -1.78 48.26 -43.80
C GLY A 252 -0.80 48.52 -44.93
N PRO A 253 -0.20 49.71 -44.93
CA PRO A 253 0.77 50.05 -45.99
C PRO A 253 2.08 49.31 -45.81
N GLY A 254 2.57 48.72 -46.89
CA GLY A 254 3.81 47.96 -46.87
C GLY A 254 3.69 46.58 -46.26
N ALA A 255 2.47 46.14 -45.95
CA ALA A 255 2.23 44.86 -45.31
C ALA A 255 1.35 44.00 -46.20
N THR A 256 1.46 42.69 -46.02
CA THR A 256 0.61 41.72 -46.68
C THR A 256 -0.14 40.92 -45.63
N VAL A 257 -1.39 40.61 -45.90
CA VAL A 257 -2.13 39.74 -45.01
C VAL A 257 -2.79 38.64 -45.82
N ASN A 258 -2.53 37.40 -45.44
CA ASN A 258 -3.22 36.23 -45.97
C ASN A 258 -4.08 35.65 -44.84
N ASN A 259 -5.38 35.95 -44.89
CA ASN A 259 -6.36 35.45 -43.93
C ASN A 259 -6.86 34.08 -44.38
N ILE A 260 -6.63 33.05 -43.57
CA ILE A 260 -6.95 31.67 -43.96
C ILE A 260 -7.92 31.08 -42.96
N THR A 261 -9.00 30.50 -43.48
CA THR A 261 -9.93 29.69 -42.70
C THR A 261 -9.55 28.23 -42.87
N LEU A 262 -9.16 27.59 -41.77
CA LEU A 262 -8.62 26.23 -41.86
C LEU A 262 -9.55 25.30 -42.64
N GLN A 263 -10.87 25.53 -42.59
CA GLN A 263 -11.80 24.60 -43.20
C GLN A 263 -12.04 24.85 -44.68
N ASN A 264 -11.49 25.92 -45.25
CA ASN A 264 -11.66 26.13 -46.68
C ASN A 264 -10.84 25.12 -47.45
N GLY A 265 -11.52 24.34 -48.30
CA GLY A 265 -10.90 23.22 -48.98
C GLY A 265 -10.78 21.95 -48.16
N CYS A 266 -11.45 21.86 -47.01
CA CYS A 266 -11.35 20.68 -46.14
C CYS A 266 -12.34 20.73 -44.98
N GLU A 267 -13.62 20.55 -45.29
CA GLU A 267 -14.62 20.78 -44.27
C GLU A 267 -14.63 19.70 -43.20
N ILE A 268 -13.88 18.60 -43.40
CA ILE A 268 -13.77 17.55 -42.39
C ILE A 268 -12.73 17.82 -41.32
N ASP A 269 -11.93 18.89 -41.45
CA ASP A 269 -11.02 19.29 -40.37
C ASP A 269 -11.84 20.11 -39.39
N LEU A 270 -12.19 19.49 -38.26
CA LEU A 270 -13.05 20.13 -37.28
C LEU A 270 -12.27 20.64 -36.07
N SER A 271 -11.00 21.00 -36.27
CA SER A 271 -10.17 21.48 -35.17
C SER A 271 -10.86 22.62 -34.43
N ASP A 272 -10.69 22.64 -33.11
CA ASP A 272 -11.12 23.76 -32.30
C ASP A 272 -9.89 24.61 -31.90
N HIS A 273 -10.08 25.47 -30.90
CA HIS A 273 -9.02 26.38 -30.49
C HIS A 273 -7.75 25.63 -30.08
N LEU A 274 -7.89 24.44 -29.49
CA LEU A 274 -6.75 23.71 -28.96
C LEU A 274 -6.28 22.61 -29.91
N SER A 275 -7.17 21.68 -30.27
CA SER A 275 -6.78 20.69 -31.26
C SER A 275 -6.47 21.41 -32.56
N GLY A 276 -5.75 20.79 -33.45
CA GLY A 276 -5.38 21.54 -34.61
C GLY A 276 -4.18 22.42 -34.40
N LEU A 277 -3.81 22.73 -33.15
CA LEU A 277 -2.39 22.72 -32.84
C LEU A 277 -1.80 21.35 -33.13
N TYR A 278 -2.68 20.34 -33.28
CA TYR A 278 -2.32 18.96 -33.54
C TYR A 278 -3.01 18.47 -34.82
N SER A 279 -3.36 19.41 -35.70
CA SER A 279 -3.88 19.09 -37.04
C SER A 279 -2.72 19.01 -38.03
N TYR A 280 -2.71 17.94 -38.85
CA TYR A 280 -1.70 17.86 -39.90
C TYR A 280 -1.95 18.93 -40.97
N ARG A 281 -3.21 19.28 -41.21
CA ARG A 281 -3.50 20.34 -42.14
C ARG A 281 -2.90 21.67 -41.66
N LEU A 282 -3.17 22.04 -40.41
CA LEU A 282 -2.59 23.28 -39.89
C LEU A 282 -1.07 23.32 -40.07
N VAL A 283 -0.42 22.21 -39.71
CA VAL A 283 1.04 22.14 -39.82
C VAL A 283 1.47 22.38 -41.24
N GLY A 284 0.78 21.75 -42.21
CA GLY A 284 1.04 22.03 -43.60
C GLY A 284 0.83 23.49 -43.96
N LEU A 285 -0.23 24.11 -43.45
CA LEU A 285 -0.47 25.52 -43.72
C LEU A 285 0.71 26.37 -43.25
N VAL A 286 1.20 26.09 -42.04
CA VAL A 286 2.34 26.84 -41.51
C VAL A 286 3.59 26.58 -42.34
N LYS A 287 3.81 25.34 -42.75
CA LYS A 287 5.00 25.02 -43.54
C LYS A 287 4.93 25.72 -44.90
N LYS A 288 3.73 25.81 -45.46
CA LYS A 288 3.57 26.48 -46.74
C LYS A 288 3.80 27.98 -46.60
N ALA A 289 3.33 28.56 -45.49
CA ALA A 289 3.58 29.99 -45.28
C ALA A 289 5.06 30.26 -45.12
N LEU A 290 5.79 29.31 -44.52
CA LEU A 290 7.23 29.44 -44.37
C LEU A 290 7.99 29.19 -45.67
N ASP A 291 7.41 28.47 -46.61
CA ASP A 291 8.14 28.03 -47.81
C ASP A 291 7.27 28.20 -49.04
N PRO A 292 6.86 29.43 -49.34
CA PRO A 292 5.91 29.66 -50.44
C PRO A 292 6.28 28.97 -51.74
N THR A 293 7.55 28.96 -52.10
CA THR A 293 7.97 28.43 -53.39
C THR A 293 8.24 26.94 -53.35
N GLY A 294 7.93 26.27 -52.24
CA GLY A 294 8.31 24.90 -52.01
C GLY A 294 7.27 23.82 -52.24
N ASN A 295 6.17 24.14 -52.92
CA ASN A 295 5.15 23.14 -53.24
C ASN A 295 4.85 22.24 -52.04
N VAL A 296 4.57 22.88 -50.89
CA VAL A 296 4.30 22.13 -49.67
C VAL A 296 2.99 21.36 -49.80
N TYR A 297 2.98 20.15 -49.24
CA TYR A 297 1.76 19.34 -49.23
C TYR A 297 0.90 19.76 -48.06
N VAL A 298 -0.34 20.15 -48.34
CA VAL A 298 -1.26 20.52 -47.27
C VAL A 298 -2.33 19.45 -47.24
N PRO A 299 -2.26 18.50 -46.32
CA PRO A 299 -3.24 17.42 -46.33
C PRO A 299 -4.61 17.94 -45.94
N CYS A 300 -5.61 17.21 -46.37
CA CYS A 300 -6.96 17.33 -45.83
C CYS A 300 -7.27 16.02 -45.11
N LEU A 301 -7.55 16.10 -43.83
CA LEU A 301 -7.75 14.90 -43.03
C LEU A 301 -8.72 15.24 -41.92
N PRO A 302 -9.41 14.24 -41.36
CA PRO A 302 -10.36 14.53 -40.28
C PRO A 302 -9.60 14.81 -38.99
N ASN A 303 -10.02 15.86 -38.28
CA ASN A 303 -9.46 16.14 -36.97
C ASN A 303 -10.61 16.55 -36.07
N ALA A 304 -10.58 16.07 -34.81
CA ALA A 304 -11.72 16.29 -33.94
C ALA A 304 -11.47 17.46 -33.00
N PRO A 305 -12.55 17.99 -32.42
CA PRO A 305 -12.41 18.95 -31.31
C PRO A 305 -11.82 18.25 -30.09
N VAL A 306 -11.56 19.02 -29.03
CA VAL A 306 -11.05 18.39 -27.83
C VAL A 306 -12.20 17.78 -27.02
N LEU A 307 -13.36 18.43 -27.04
CA LEU A 307 -14.54 17.94 -26.35
C LEU A 307 -15.48 17.29 -27.35
N GLU A 308 -16.42 16.52 -26.82
CA GLU A 308 -17.40 15.86 -27.68
C GLU A 308 -18.50 16.82 -28.10
N SER B 16 -5.18 -25.66 14.08
CA SER B 16 -3.90 -26.34 14.34
C SER B 16 -2.80 -25.76 13.47
N ASP B 17 -2.66 -24.45 13.39
CA ASP B 17 -1.80 -24.13 12.25
C ASP B 17 -0.90 -22.90 12.39
N PRO B 18 -1.28 -21.82 13.06
CA PRO B 18 -0.30 -20.74 13.23
C PRO B 18 0.68 -21.18 14.30
N VAL B 19 1.89 -20.67 14.20
CA VAL B 19 2.92 -20.85 15.21
C VAL B 19 3.08 -19.54 15.93
N GLY B 20 2.75 -19.50 17.21
CA GLY B 20 2.95 -18.31 17.99
C GLY B 20 4.39 -18.21 18.42
N PRO B 21 4.82 -17.02 18.81
CA PRO B 21 6.19 -16.84 19.31
C PRO B 21 6.39 -17.46 20.70
N GLU B 22 7.67 -17.65 21.06
CA GLU B 22 8.04 -18.03 22.41
C GLU B 22 7.66 -16.94 23.41
N GLN B 23 7.11 -17.34 24.56
CA GLN B 23 6.67 -16.42 25.60
C GLN B 23 7.49 -16.66 26.87
N ILE B 24 7.42 -15.72 27.81
CA ILE B 24 8.10 -15.91 29.09
C ILE B 24 7.17 -15.66 30.27
N SER B 25 5.88 -15.54 30.01
CA SER B 25 4.91 -15.22 31.04
C SER B 25 3.54 -15.71 30.61
N PHE B 26 2.73 -16.14 31.59
CA PHE B 26 1.50 -16.82 31.24
C PHE B 26 0.48 -15.87 30.60
N LEU B 27 0.22 -14.74 31.23
CA LEU B 27 -0.89 -13.92 30.77
C LEU B 27 -0.63 -13.36 29.37
N PRO B 28 0.57 -12.91 29.05
CA PRO B 28 0.83 -12.52 27.65
C PRO B 28 0.61 -13.68 26.66
N ALA B 29 1.11 -14.87 27.00
CA ALA B 29 0.82 -16.08 26.23
C ALA B 29 -0.68 -16.25 26.00
N LYS B 30 -1.47 -16.06 27.06
CA LYS B 30 -2.90 -16.30 26.99
C LYS B 30 -3.62 -15.22 26.18
N LEU B 31 -3.22 -13.96 26.36
CA LEU B 31 -3.77 -12.91 25.51
C LEU B 31 -3.52 -13.26 24.05
N TYR B 32 -2.28 -13.65 23.71
CA TYR B 32 -2.01 -14.05 22.34
C TYR B 32 -2.97 -15.15 21.88
N SER B 33 -3.14 -16.19 22.69
CA SER B 33 -3.99 -17.31 22.29
C SER B 33 -5.45 -16.91 22.12
N SER B 34 -5.91 -15.87 22.84
CA SER B 34 -7.30 -15.45 22.69
C SER B 34 -7.62 -14.96 21.28
N LEU B 35 -6.60 -14.46 20.55
CA LEU B 35 -6.75 -14.02 19.17
C LEU B 35 -6.28 -15.05 18.17
N ALA B 36 -5.69 -16.16 18.63
CA ALA B 36 -5.28 -17.25 17.75
C ALA B 36 -5.42 -18.54 18.56
N PRO B 37 -6.67 -18.95 18.84
CA PRO B 37 -6.88 -20.09 19.74
C PRO B 37 -6.29 -21.41 19.28
N THR B 38 -5.97 -21.60 17.99
CA THR B 38 -5.38 -22.85 17.55
C THR B 38 -3.87 -22.76 17.44
N ALA B 39 -3.27 -21.67 17.90
CA ALA B 39 -1.83 -21.50 17.80
C ALA B 39 -1.07 -22.66 18.47
N LEU B 40 0.07 -22.99 17.89
CA LEU B 40 1.09 -23.87 18.42
C LEU B 40 2.20 -23.05 19.07
N PRO B 41 2.75 -23.48 20.20
CA PRO B 41 4.00 -22.88 20.67
C PRO B 41 5.16 -23.36 19.82
N PRO B 42 6.28 -22.65 19.81
CA PRO B 42 7.41 -23.05 18.96
C PRO B 42 7.82 -24.49 19.22
N GLY B 43 8.33 -25.15 18.16
CA GLY B 43 8.99 -26.43 18.30
C GLY B 43 8.08 -27.61 18.48
N THR B 44 6.79 -27.45 18.16
CA THR B 44 5.74 -28.38 18.54
C THR B 44 4.96 -28.83 17.32
N ASN B 45 4.63 -30.13 17.29
CA ASN B 45 3.84 -30.71 16.22
C ASN B 45 4.55 -30.56 14.87
N ASP B 46 5.87 -30.74 14.89
CA ASP B 46 6.62 -30.89 13.66
C ASP B 46 6.55 -32.37 13.30
N TRP B 47 5.66 -32.72 12.37
CA TRP B 47 5.38 -34.10 12.02
C TRP B 47 6.45 -34.74 11.13
N THR B 48 7.54 -34.03 10.84
CA THR B 48 8.74 -34.62 10.27
C THR B 48 9.74 -35.00 11.36
N CYS B 49 9.46 -34.65 12.61
CA CYS B 49 10.47 -34.84 13.65
C CYS B 49 10.75 -36.32 13.82
N GLN B 50 12.03 -36.65 14.01
CA GLN B 50 12.47 -38.02 14.27
C GLN B 50 13.20 -38.05 15.60
N PRO B 51 12.67 -38.74 16.61
CA PRO B 51 13.40 -38.85 17.88
C PRO B 51 14.81 -39.36 17.66
N SER B 52 15.75 -38.80 18.43
CA SER B 52 17.15 -39.16 18.36
C SER B 52 17.45 -40.34 19.30
N ALA B 53 18.69 -40.83 19.26
CA ALA B 53 19.01 -41.96 20.13
C ALA B 53 19.13 -41.52 21.58
N ALA B 54 19.53 -40.27 21.81
CA ALA B 54 19.66 -39.74 23.15
C ALA B 54 18.31 -39.45 23.80
N HIS B 55 17.28 -39.16 22.99
CA HIS B 55 15.92 -38.88 23.50
C HIS B 55 14.91 -39.52 22.58
N PRO B 56 14.83 -40.85 22.61
CA PRO B 56 14.06 -41.57 21.60
C PRO B 56 12.54 -41.47 21.74
N ARG B 57 12.04 -40.87 22.82
CA ARG B 57 10.60 -40.84 23.08
C ARG B 57 10.05 -39.45 22.81
N PRO B 58 9.05 -39.29 21.95
CA PRO B 58 8.40 -37.98 21.82
C PRO B 58 7.79 -37.57 23.15
N VAL B 59 7.65 -36.25 23.33
CA VAL B 59 7.05 -35.68 24.53
C VAL B 59 5.70 -35.07 24.15
N VAL B 60 4.64 -35.55 24.78
CA VAL B 60 3.28 -35.04 24.56
C VAL B 60 2.88 -34.16 25.74
N LEU B 61 2.52 -32.91 25.48
CA LEU B 61 2.12 -31.95 26.51
C LEU B 61 0.59 -31.77 26.49
N VAL B 62 -0.01 -31.67 27.67
CA VAL B 62 -1.47 -31.70 27.82
C VAL B 62 -1.87 -30.53 28.73
N HIS B 63 -2.71 -29.63 28.20
CA HIS B 63 -2.96 -28.33 28.82
C HIS B 63 -3.99 -28.46 29.93
N GLY B 64 -4.31 -27.32 30.54
CA GLY B 64 -5.16 -27.26 31.71
C GLY B 64 -6.55 -26.75 31.41
N THR B 65 -7.31 -26.56 32.49
CA THR B 65 -8.68 -26.12 32.38
C THR B 65 -8.69 -24.70 31.83
N TRP B 66 -9.61 -24.39 30.89
CA TRP B 66 -9.76 -23.05 30.36
C TRP B 66 -8.50 -22.56 29.67
N ALA B 67 -7.63 -23.49 29.27
CA ALA B 67 -6.37 -23.12 28.64
C ALA B 67 -6.19 -23.87 27.33
N ASN B 68 -5.00 -23.81 26.74
CA ASN B 68 -4.73 -24.48 25.48
C ASN B 68 -3.25 -24.85 25.42
N ARG B 69 -2.85 -25.42 24.29
CA ARG B 69 -1.46 -25.82 24.13
C ARG B 69 -0.51 -24.64 23.92
N TYR B 70 -1.02 -23.42 23.68
CA TYR B 70 -0.14 -22.26 23.54
C TYR B 70 0.08 -21.55 24.88
N ASP B 71 -0.99 -20.98 25.50
CA ASP B 71 -0.98 -20.70 26.94
C ASP B 71 0.07 -21.45 27.72
N SER B 72 -0.13 -22.77 27.74
CA SER B 72 0.50 -23.60 28.74
C SER B 72 1.97 -23.78 28.47
N PHE B 73 2.36 -23.75 27.19
CA PHE B 73 3.65 -24.31 26.80
C PHE B 73 4.47 -23.39 25.91
N ALA B 74 4.14 -22.10 25.84
CA ALA B 74 4.95 -21.18 25.02
C ALA B 74 6.37 -20.98 25.55
N MET B 75 6.70 -21.49 26.74
CA MET B 75 8.05 -21.61 27.28
C MET B 75 8.53 -23.06 27.31
N ILE B 76 7.76 -23.92 27.99
CA ILE B 76 8.13 -25.33 28.14
C ILE B 76 8.50 -25.96 26.80
N ALA B 77 7.60 -25.89 25.80
CA ALA B 77 7.85 -26.58 24.54
C ALA B 77 9.09 -26.10 23.81
N PRO B 78 9.34 -24.80 23.65
CA PRO B 78 10.63 -24.38 23.08
C PRO B 78 11.81 -24.92 23.86
N HIS B 79 11.75 -24.93 25.19
CA HIS B 79 12.89 -25.42 25.97
C HIS B 79 13.11 -26.91 25.78
N LEU B 80 12.05 -27.69 25.64
CA LEU B 80 12.26 -29.10 25.37
C LEU B 80 12.75 -29.31 23.93
N LYS B 81 12.29 -28.49 23.00
CA LYS B 81 12.83 -28.54 21.64
C LYS B 81 14.33 -28.29 21.66
N ARG B 82 14.77 -27.27 22.40
CA ARG B 82 16.17 -26.90 22.40
C ARG B 82 17.01 -27.94 23.10
N ALA B 83 16.39 -28.75 23.97
CA ALA B 83 17.08 -29.85 24.62
C ALA B 83 17.13 -31.11 23.77
N GLY B 84 16.46 -31.13 22.62
CA GLY B 84 16.53 -32.26 21.72
C GLY B 84 15.35 -33.23 21.68
N TYR B 85 14.20 -32.85 22.22
CA TYR B 85 13.02 -33.70 22.15
C TYR B 85 12.18 -33.34 20.93
N CYS B 86 11.43 -34.32 20.42
CA CYS B 86 10.32 -34.07 19.52
C CYS B 86 9.08 -33.81 20.37
N VAL B 87 8.48 -32.62 20.23
CA VAL B 87 7.47 -32.12 21.14
C VAL B 87 6.15 -32.03 20.41
N TYR B 88 5.07 -32.43 21.09
CA TYR B 88 3.74 -32.52 20.50
C TYR B 88 2.70 -32.03 21.50
N ALA B 89 1.64 -31.39 21.00
CA ALA B 89 0.62 -30.87 21.90
C ALA B 89 -0.74 -30.83 21.21
N LEU B 90 -1.77 -31.28 21.93
CA LEU B 90 -3.14 -31.31 21.41
C LEU B 90 -3.98 -30.27 22.16
N ASN B 91 -5.05 -29.82 21.52
CA ASN B 91 -6.13 -29.15 22.25
C ASN B 91 -7.27 -30.15 22.45
N TYR B 92 -7.83 -30.18 23.66
CA TYR B 92 -8.79 -31.23 24.02
C TYR B 92 -9.91 -30.66 24.89
N GLY B 93 -10.98 -31.45 25.02
CA GLY B 93 -12.11 -31.08 25.86
C GLY B 93 -12.82 -29.81 25.45
N ASP B 94 -12.89 -29.56 24.14
CA ASP B 94 -13.57 -28.38 23.62
C ASP B 94 -15.08 -28.59 23.58
N GLU B 95 -15.84 -27.63 24.12
CA GLU B 95 -17.30 -27.67 24.03
C GLU B 95 -17.82 -26.24 24.07
N ASN B 96 -19.03 -26.05 23.57
CA ASN B 96 -19.53 -24.71 23.30
C ASN B 96 -20.78 -24.36 24.13
N VAL B 97 -21.17 -25.22 25.08
CA VAL B 97 -22.43 -24.99 25.79
C VAL B 97 -22.22 -24.05 26.97
N SER B 98 -21.15 -24.27 27.73
CA SER B 98 -20.86 -23.47 28.92
C SER B 98 -20.43 -22.07 28.53
N VAL B 99 -20.60 -21.12 29.44
CA VAL B 99 -20.24 -19.75 29.10
C VAL B 99 -18.75 -19.62 28.87
N LEU B 100 -17.92 -20.09 29.81
CA LEU B 100 -16.48 -20.02 29.59
C LEU B 100 -16.07 -20.87 28.40
N GLY B 101 -16.76 -21.99 28.16
CA GLY B 101 -16.50 -22.78 26.97
C GLY B 101 -16.59 -21.99 25.70
N GLN B 102 -17.30 -20.87 25.71
CA GLN B 102 -17.50 -20.06 24.52
C GLN B 102 -16.42 -19.00 24.31
N LEU B 103 -15.55 -18.75 25.30
CA LEU B 103 -14.49 -17.78 25.08
C LEU B 103 -13.35 -18.41 24.26
N PRO B 104 -12.70 -17.61 23.41
CA PRO B 104 -11.65 -18.18 22.54
C PRO B 104 -10.46 -18.70 23.34
N GLY B 105 -10.12 -19.97 23.10
CA GLY B 105 -8.92 -20.54 23.67
C GLY B 105 -9.10 -21.09 25.06
N LEU B 106 -10.29 -20.98 25.61
CA LEU B 106 -10.62 -21.70 26.84
C LEU B 106 -11.04 -23.10 26.43
N TYR B 107 -10.11 -24.04 26.48
CA TYR B 107 -10.41 -25.42 26.17
C TYR B 107 -10.49 -26.23 27.47
N ALA B 108 -10.67 -27.54 27.33
CA ALA B 108 -10.77 -28.45 28.47
C ALA B 108 -11.86 -28.03 29.47
N THR B 109 -13.02 -27.65 28.93
CA THR B 109 -14.23 -27.44 29.74
C THR B 109 -15.16 -28.65 29.78
N GLN B 110 -15.09 -29.55 28.80
CA GLN B 110 -15.90 -30.75 28.76
C GLN B 110 -15.54 -31.68 29.92
N THR B 111 -16.50 -32.53 30.30
CA THR B 111 -16.26 -33.54 31.34
C THR B 111 -14.97 -34.28 31.01
N ILE B 112 -14.21 -34.61 32.05
CA ILE B 112 -12.79 -34.89 31.87
C ILE B 112 -12.49 -36.32 31.39
N LYS B 113 -13.24 -37.32 31.85
CA LYS B 113 -12.91 -38.71 31.50
C LYS B 113 -12.64 -38.91 30.02
N PRO B 114 -13.52 -38.46 29.10
CA PRO B 114 -13.28 -38.70 27.67
C PRO B 114 -12.09 -37.95 27.09
N ALA B 115 -11.52 -36.98 27.82
CA ALA B 115 -10.24 -36.45 27.37
C ALA B 115 -9.26 -37.58 27.10
N GLY B 116 -9.34 -38.65 27.91
CA GLY B 116 -8.45 -39.78 27.73
C GLY B 116 -8.48 -40.32 26.31
N GLY B 117 -9.67 -40.35 25.70
CA GLY B 117 -9.77 -40.85 24.34
C GLY B 117 -9.10 -39.90 23.35
N GLU B 118 -9.35 -38.60 23.51
CA GLU B 118 -8.71 -37.62 22.64
C GLU B 118 -7.19 -37.77 22.71
N ILE B 119 -6.62 -37.70 23.92
CA ILE B 119 -5.21 -37.99 24.11
C ILE B 119 -4.82 -39.27 23.39
N SER B 120 -5.62 -40.32 23.58
CA SER B 120 -5.30 -41.59 22.95
C SER B 120 -5.08 -41.41 21.46
N SER B 121 -6.07 -40.83 20.76
CA SER B 121 -5.92 -40.63 19.32
C SER B 121 -4.62 -39.90 19.04
N PHE B 122 -4.41 -38.78 19.73
CA PHE B 122 -3.24 -37.94 19.50
C PHE B 122 -1.96 -38.76 19.69
N VAL B 123 -1.88 -39.51 20.78
CA VAL B 123 -0.68 -40.31 21.02
C VAL B 123 -0.44 -41.25 19.86
N ASP B 124 -1.49 -41.95 19.42
CA ASP B 124 -1.31 -42.87 18.30
C ASP B 124 -0.68 -42.13 17.12
N GLN B 125 -1.20 -40.93 16.82
CA GLN B 125 -0.63 -40.14 15.73
C GLN B 125 0.86 -39.89 15.97
N VAL B 126 1.23 -39.47 17.18
CA VAL B 126 2.65 -39.25 17.46
C VAL B 126 3.44 -40.53 17.20
N LEU B 127 2.96 -41.65 17.75
CA LEU B 127 3.72 -42.90 17.66
C LEU B 127 3.87 -43.32 16.21
N ASP B 128 2.74 -43.40 15.50
CA ASP B 128 2.74 -43.69 14.08
C ASP B 128 3.68 -42.75 13.33
N SER B 129 3.73 -41.49 13.74
CA SER B 129 4.49 -40.52 12.97
C SER B 129 5.97 -40.60 13.27
N THR B 130 6.36 -41.09 14.43
CA THR B 130 7.75 -41.08 14.84
C THR B 130 8.39 -42.45 14.85
N GLY B 131 7.61 -43.51 14.66
CA GLY B 131 8.12 -44.86 14.81
C GLY B 131 8.61 -45.20 16.20
N ALA B 132 8.24 -44.42 17.21
CA ALA B 132 8.62 -44.74 18.58
C ALA B 132 7.66 -45.77 19.18
N ASP B 133 8.14 -46.49 20.19
CA ASP B 133 7.28 -47.41 20.92
C ASP B 133 6.44 -46.70 21.97
N GLN B 134 7.05 -45.75 22.67
CA GLN B 134 6.45 -45.11 23.82
C GLN B 134 6.55 -43.59 23.66
N VAL B 135 5.79 -42.87 24.47
CA VAL B 135 5.96 -41.43 24.63
C VAL B 135 6.14 -41.12 26.10
N ASP B 136 6.67 -39.94 26.36
CA ASP B 136 6.54 -39.33 27.67
C ASP B 136 5.46 -38.25 27.59
N MET B 137 4.89 -37.90 28.74
CA MET B 137 3.72 -37.04 28.78
C MET B 137 3.83 -36.10 29.96
N PHE B 138 3.55 -34.82 29.72
CA PHE B 138 3.50 -33.80 30.76
C PHE B 138 2.11 -33.20 30.79
N GLY B 139 1.51 -33.14 31.98
CA GLY B 139 0.18 -32.60 32.16
C GLY B 139 0.14 -31.46 33.15
N TRP B 140 -0.48 -30.34 32.76
CA TRP B 140 -0.64 -29.21 33.67
C TRP B 140 -2.04 -29.24 34.25
N SER B 141 -2.13 -29.28 35.59
CA SER B 141 -3.43 -29.21 36.25
C SER B 141 -4.34 -30.31 35.71
N GLN B 142 -5.51 -29.95 35.16
CA GLN B 142 -6.40 -30.96 34.59
C GLN B 142 -5.65 -31.91 33.66
N GLY B 143 -4.70 -31.39 32.88
CA GLY B 143 -3.95 -32.23 31.96
C GLY B 143 -3.46 -33.49 32.63
N GLY B 144 -2.90 -33.34 33.84
CA GLY B 144 -2.54 -34.46 34.67
C GLY B 144 -3.61 -35.54 34.73
N ILE B 145 -4.78 -35.19 35.26
CA ILE B 145 -5.81 -36.22 35.40
C ILE B 145 -6.36 -36.61 34.04
N ALA B 146 -6.33 -35.73 33.04
CA ALA B 146 -6.70 -36.19 31.71
C ALA B 146 -5.76 -37.30 31.26
N ALA B 147 -4.45 -37.07 31.45
CA ALA B 147 -3.47 -38.10 31.14
C ALA B 147 -3.79 -39.39 31.90
N ARG B 148 -4.18 -39.26 33.18
CA ARG B 148 -4.40 -40.48 33.94
C ARG B 148 -5.61 -41.22 33.43
N SER B 149 -6.65 -40.48 33.01
CA SER B 149 -7.78 -41.13 32.37
C SER B 149 -7.26 -41.96 31.19
N TYR B 150 -6.39 -41.37 30.37
CA TYR B 150 -5.83 -42.11 29.25
C TYR B 150 -5.12 -43.35 29.75
N LEU B 151 -4.28 -43.20 30.79
CA LEU B 151 -3.55 -44.33 31.36
C LEU B 151 -4.49 -45.44 31.82
N LYS B 152 -5.62 -45.07 32.39
CA LYS B 152 -6.43 -46.06 33.07
C LYS B 152 -7.53 -46.62 32.16
N PHE B 153 -8.11 -45.76 31.32
CA PHE B 153 -9.33 -46.10 30.62
C PHE B 153 -9.20 -46.22 29.12
N TYR B 154 -8.09 -45.77 28.50
CA TYR B 154 -8.08 -45.68 27.04
C TYR B 154 -6.79 -46.21 26.39
N GLY B 155 -6.09 -47.14 27.03
CA GLY B 155 -4.80 -47.59 26.52
C GLY B 155 -3.69 -46.77 27.12
N GLY B 156 -2.53 -46.87 26.54
CA GLY B 156 -1.46 -46.05 27.11
C GLY B 156 -0.86 -46.69 28.34
N THR B 157 -1.66 -47.50 29.05
CA THR B 157 -1.17 -48.59 29.88
C THR B 157 -1.68 -49.93 29.36
N ASN B 158 -0.88 -50.96 29.61
CA ASN B 158 -1.13 -52.33 29.17
C ASN B 158 -0.87 -53.26 30.36
N ALA B 159 -1.95 -53.81 30.93
CA ALA B 159 -1.80 -54.67 32.10
C ALA B 159 -1.08 -55.98 31.77
N ALA B 160 -1.39 -56.56 30.60
CA ALA B 160 -0.70 -57.76 30.14
C ALA B 160 0.82 -57.59 30.16
N ASN B 161 1.34 -56.49 29.59
CA ASN B 161 2.78 -56.30 29.48
C ASN B 161 3.16 -54.85 29.72
N PRO B 162 3.36 -54.46 30.98
CA PRO B 162 3.66 -53.05 31.29
C PRO B 162 4.86 -52.48 30.56
N ALA B 163 5.88 -53.29 30.28
CA ALA B 163 7.01 -52.85 29.46
C ALA B 163 6.57 -52.26 28.13
N ALA B 164 5.36 -52.59 27.67
CA ALA B 164 4.84 -52.10 26.41
C ALA B 164 3.78 -51.01 26.59
N ASN B 165 3.74 -50.37 27.76
CA ASN B 165 2.88 -49.19 27.94
C ASN B 165 3.18 -48.15 26.85
N LYS B 166 2.12 -47.59 26.26
CA LYS B 166 2.33 -46.50 25.32
C LYS B 166 2.96 -45.27 25.98
N VAL B 167 2.74 -45.08 27.28
CA VAL B 167 3.25 -43.95 28.04
C VAL B 167 4.25 -44.49 29.03
N LYS B 168 5.49 -43.97 29.00
CA LYS B 168 6.51 -44.41 29.93
C LYS B 168 6.60 -43.50 31.16
N ASN B 169 6.79 -42.21 30.95
CA ASN B 169 6.83 -41.22 32.03
C ASN B 169 5.60 -40.33 31.95
N LEU B 170 4.98 -40.10 33.10
CA LEU B 170 3.95 -39.06 33.25
C LEU B 170 4.48 -38.07 34.27
N ILE B 171 4.66 -36.83 33.84
CA ILE B 171 5.07 -35.72 34.69
C ILE B 171 3.92 -34.73 34.73
N THR B 172 3.69 -34.14 35.89
CA THR B 172 2.55 -33.25 36.06
C THR B 172 2.98 -32.05 36.92
N PHE B 173 2.29 -30.93 36.72
CA PHE B 173 2.41 -29.80 37.61
C PHE B 173 1.02 -29.29 37.98
N GLY B 174 0.81 -29.09 39.28
CA GLY B 174 -0.47 -28.62 39.80
C GLY B 174 -1.66 -29.51 39.50
N ALA B 175 -1.43 -30.77 39.17
CA ALA B 175 -2.55 -31.65 38.82
C ALA B 175 -3.52 -31.76 40.00
N THR B 176 -4.81 -31.79 39.70
CA THR B 176 -5.81 -31.95 40.75
C THR B 176 -6.16 -33.43 40.91
N ASN B 177 -5.11 -34.19 41.22
CA ASN B 177 -5.18 -35.64 41.23
C ASN B 177 -6.22 -36.15 42.20
N HIS B 178 -6.39 -35.48 43.33
CA HIS B 178 -7.35 -35.92 44.34
C HIS B 178 -8.39 -34.84 44.62
N GLY B 179 -8.68 -34.00 43.62
CA GLY B 179 -9.61 -32.89 43.79
C GLY B 179 -8.97 -31.72 44.52
N THR B 180 -9.72 -30.60 44.57
CA THR B 180 -9.21 -29.36 45.16
C THR B 180 -10.27 -28.71 46.03
N THR B 181 -9.83 -28.09 47.13
CA THR B 181 -10.71 -27.33 48.01
C THR B 181 -10.81 -25.87 47.58
N LEU B 182 -10.07 -25.48 46.54
CA LEU B 182 -10.09 -24.11 46.02
C LEU B 182 -9.91 -23.12 47.16
N SER B 183 -8.82 -23.30 47.91
CA SER B 183 -8.61 -22.48 49.09
C SER B 183 -8.23 -21.04 48.73
N GLY B 184 -7.80 -20.80 47.49
CA GLY B 184 -7.57 -19.44 47.02
C GLY B 184 -8.83 -18.61 46.89
N LEU B 185 -10.00 -19.25 46.86
CA LEU B 185 -11.26 -18.52 46.83
C LEU B 185 -11.59 -17.96 48.22
N GLY B 186 -11.69 -18.84 49.22
CA GLY B 186 -12.04 -18.46 50.57
C GLY B 186 -13.52 -18.18 50.81
N ALA B 187 -14.24 -19.17 51.36
CA ALA B 187 -15.67 -19.06 51.59
C ALA B 187 -16.40 -19.19 50.27
N LEU B 188 -15.87 -18.53 49.24
CA LEU B 188 -16.46 -18.61 47.91
C LEU B 188 -16.52 -20.05 47.43
N ALA B 189 -15.48 -20.82 47.73
CA ALA B 189 -15.45 -22.24 47.41
C ALA B 189 -16.64 -22.97 48.04
N GLY B 190 -16.96 -22.63 49.29
CA GLY B 190 -18.10 -23.26 49.96
C GLY B 190 -19.43 -22.89 49.31
N GLN B 191 -19.57 -21.64 48.87
CA GLN B 191 -20.82 -21.19 48.25
C GLN B 191 -21.07 -21.85 46.89
N LEU B 192 -20.04 -22.39 46.26
CA LEU B 192 -20.19 -23.03 44.97
C LEU B 192 -21.05 -24.30 45.10
N ALA B 193 -22.20 -24.32 44.41
CA ALA B 193 -23.07 -25.49 44.41
C ALA B 193 -22.78 -26.34 43.18
N PRO B 194 -22.21 -27.55 43.34
CA PRO B 194 -21.70 -28.30 42.17
C PRO B 194 -22.72 -28.55 41.06
N ALA B 195 -23.92 -28.00 41.20
CA ALA B 195 -24.94 -28.09 40.16
C ALA B 195 -25.19 -26.78 39.43
N THR B 196 -24.61 -25.67 39.90
CA THR B 196 -24.71 -24.39 39.21
C THR B 196 -23.54 -24.11 38.29
N ILE B 197 -22.43 -24.84 38.43
CA ILE B 197 -21.16 -24.50 37.80
C ILE B 197 -21.09 -24.99 36.36
N PRO B 198 -21.64 -26.16 36.01
CA PRO B 198 -21.46 -26.69 34.62
C PRO B 198 -21.80 -25.70 33.52
N PRO B 199 -22.90 -24.93 33.62
CA PRO B 199 -23.27 -24.05 32.50
C PRO B 199 -22.49 -22.74 32.43
N VAL B 200 -21.90 -22.29 33.53
CA VAL B 200 -21.07 -21.10 33.49
C VAL B 200 -19.59 -21.44 33.27
N LEU B 201 -19.07 -22.44 34.01
CA LEU B 201 -17.65 -22.77 34.06
C LEU B 201 -17.28 -24.00 33.27
N GLY B 202 -18.23 -24.87 32.95
CA GLY B 202 -17.96 -26.13 32.31
C GLY B 202 -17.95 -27.30 33.28
N PRO B 203 -18.38 -28.46 32.81
CA PRO B 203 -18.35 -29.67 33.65
C PRO B 203 -16.98 -30.00 34.26
N ALA B 204 -15.88 -29.69 33.56
CA ALA B 204 -14.55 -30.02 34.10
C ALA B 204 -14.34 -29.39 35.48
N ALA B 205 -14.82 -28.17 35.68
CA ALA B 205 -14.71 -27.55 36.98
C ALA B 205 -15.31 -28.44 38.05
N ALA B 206 -16.49 -29.01 37.76
CA ALA B 206 -17.15 -29.88 38.72
C ALA B 206 -16.36 -31.15 38.95
N ASP B 207 -15.87 -31.75 37.84
CA ASP B 207 -15.10 -32.98 37.91
C ASP B 207 -13.85 -32.83 38.78
N GLN B 208 -13.37 -31.60 39.02
CA GLN B 208 -12.16 -31.44 39.82
C GLN B 208 -12.41 -31.13 41.29
N LEU B 209 -13.67 -30.97 41.69
CA LEU B 209 -13.96 -30.81 43.12
C LEU B 209 -13.82 -32.15 43.84
N ILE B 210 -13.52 -32.10 45.13
CA ILE B 210 -13.20 -33.32 45.86
C ILE B 210 -14.35 -34.32 45.81
N ASP B 211 -14.01 -35.61 45.82
CA ASP B 211 -14.98 -36.70 45.77
C ASP B 211 -15.99 -36.51 44.63
N SER B 212 -15.54 -35.89 43.54
CA SER B 212 -16.35 -35.86 42.34
C SER B 212 -16.57 -37.28 41.83
N PRO B 213 -17.69 -37.55 41.18
CA PRO B 213 -17.82 -38.84 40.48
C PRO B 213 -16.61 -39.21 39.64
N PHE B 214 -16.13 -38.31 38.78
CA PHE B 214 -14.99 -38.65 37.94
C PHE B 214 -13.77 -39.01 38.78
N LEU B 215 -13.40 -38.13 39.71
CA LEU B 215 -12.21 -38.38 40.52
C LEU B 215 -12.33 -39.69 41.30
N THR B 216 -13.54 -40.00 41.77
CA THR B 216 -13.76 -41.24 42.52
C THR B 216 -13.53 -42.46 41.64
N GLU B 217 -14.12 -42.45 40.45
CA GLU B 217 -13.85 -43.52 39.49
C GLU B 217 -12.35 -43.60 39.15
N LEU B 218 -11.71 -42.47 38.84
CA LEU B 218 -10.33 -42.49 38.37
C LEU B 218 -9.37 -43.01 39.44
N ASN B 219 -9.64 -42.68 40.70
CA ASN B 219 -8.76 -43.04 41.81
C ASN B 219 -9.08 -44.41 42.41
N ALA B 220 -10.11 -45.11 41.93
CA ALA B 220 -10.44 -46.40 42.49
C ALA B 220 -9.33 -47.40 42.17
N GLY B 221 -8.88 -48.14 43.19
CA GLY B 221 -7.83 -49.11 43.07
C GLY B 221 -6.46 -48.58 43.38
N GLY B 222 -6.29 -47.27 43.37
CA GLY B 222 -5.00 -46.68 43.63
C GLY B 222 -4.70 -45.57 42.65
N ASP B 223 -3.52 -44.98 42.78
CA ASP B 223 -3.15 -43.84 41.96
C ASP B 223 -2.46 -44.21 40.65
N THR B 224 -1.77 -45.35 40.63
CA THR B 224 -0.83 -45.67 39.57
C THR B 224 -1.29 -46.86 38.75
N GLN B 225 -0.66 -47.02 37.59
CA GLN B 225 -0.75 -48.20 36.75
C GLN B 225 0.62 -48.84 36.67
N PRO B 226 0.70 -50.18 36.58
CA PRO B 226 2.01 -50.84 36.57
C PRO B 226 2.86 -50.36 35.38
N GLY B 227 4.11 -50.00 35.66
CA GLY B 227 5.09 -49.72 34.63
C GLY B 227 5.32 -48.25 34.33
N VAL B 228 4.49 -47.36 34.86
CA VAL B 228 4.61 -45.94 34.59
C VAL B 228 5.47 -45.27 35.66
N THR B 229 6.36 -44.37 35.22
CA THR B 229 7.18 -43.58 36.13
C THR B 229 6.57 -42.19 36.30
N TYR B 230 6.05 -41.90 37.48
CA TYR B 230 5.37 -40.64 37.76
C TYR B 230 6.32 -39.63 38.40
N THR B 231 6.30 -38.40 37.89
CA THR B 231 6.99 -37.27 38.52
C THR B 231 5.93 -36.21 38.78
N ILE B 232 5.46 -36.13 40.02
CA ILE B 232 4.33 -35.29 40.38
C ILE B 232 4.85 -34.08 41.15
N ILE B 233 4.77 -32.88 40.49
CA ILE B 233 5.32 -31.63 41.01
C ILE B 233 4.18 -30.75 41.50
N GLY B 234 4.37 -30.16 42.68
CA GLY B 234 3.45 -29.15 43.20
C GLY B 234 4.20 -27.97 43.75
N SER B 235 3.50 -26.84 43.85
CA SER B 235 4.06 -25.59 44.38
C SER B 235 3.35 -25.23 45.68
N ARG B 236 4.11 -24.66 46.64
CA ARG B 236 3.56 -24.37 47.97
C ARG B 236 2.49 -23.30 47.85
N TYR B 237 2.64 -22.46 46.83
CA TYR B 237 1.83 -21.27 46.62
C TYR B 237 0.73 -21.48 45.59
N ASP B 238 0.57 -22.71 45.13
CA ASP B 238 -0.56 -23.06 44.28
C ASP B 238 -1.83 -22.93 45.11
N GLU B 239 -2.75 -22.04 44.70
CA GLU B 239 -4.01 -21.93 45.41
C GLU B 239 -5.20 -22.25 44.53
N VAL B 240 -4.98 -22.88 43.39
CA VAL B 240 -6.05 -23.46 42.59
C VAL B 240 -6.22 -24.93 42.89
N SER B 241 -5.12 -25.64 43.11
CA SER B 241 -5.10 -27.09 43.29
C SER B 241 -4.68 -27.35 44.74
N THR B 242 -5.65 -27.38 45.65
CA THR B 242 -5.36 -27.21 47.06
C THR B 242 -6.12 -28.20 47.93
N PRO B 243 -5.54 -28.58 49.10
CA PRO B 243 -4.18 -28.16 49.43
C PRO B 243 -3.20 -28.74 48.42
N TYR B 244 -2.03 -28.10 48.27
CA TYR B 244 -1.16 -28.43 47.16
C TYR B 244 -0.65 -29.87 47.25
N GLN B 245 -0.35 -30.35 48.46
CA GLN B 245 0.10 -31.73 48.61
C GLN B 245 -0.89 -32.74 48.06
N ARG B 246 -2.16 -32.37 47.89
CA ARG B 246 -3.10 -33.38 47.41
C ARG B 246 -2.74 -33.87 46.03
N THR B 247 -1.94 -33.10 45.27
CA THR B 247 -1.53 -33.58 43.95
C THR B 247 -0.71 -34.87 44.06
N PHE B 248 0.12 -34.96 45.09
CA PHE B 248 1.06 -36.06 45.23
C PHE B 248 0.35 -37.41 45.17
N LEU B 249 1.06 -38.39 44.65
CA LEU B 249 0.52 -39.72 44.35
C LEU B 249 1.20 -40.77 45.24
N THR B 250 0.48 -41.88 45.44
CA THR B 250 1.01 -43.04 46.16
C THR B 250 1.29 -44.16 45.16
N ALA B 251 2.54 -44.63 45.14
CA ALA B 251 2.96 -45.65 44.18
C ALA B 251 2.25 -46.98 44.42
N GLY B 252 1.76 -47.58 43.34
CA GLY B 252 1.19 -48.90 43.40
C GLY B 252 2.14 -49.98 42.91
N PRO B 253 1.63 -51.20 42.76
CA PRO B 253 2.47 -52.29 42.24
C PRO B 253 3.09 -51.93 40.91
N GLY B 254 4.41 -52.01 40.85
CA GLY B 254 5.13 -51.88 39.60
C GLY B 254 5.23 -50.46 39.05
N ALA B 255 4.80 -49.46 39.80
CA ALA B 255 4.93 -48.07 39.41
C ALA B 255 5.86 -47.35 40.36
N THR B 256 6.50 -46.29 39.87
CA THR B 256 7.35 -45.42 40.67
C THR B 256 6.73 -44.03 40.76
N VAL B 257 6.90 -43.39 41.91
CA VAL B 257 6.35 -42.06 42.14
C VAL B 257 7.42 -41.20 42.75
N ASN B 258 7.75 -40.10 42.09
CA ASN B 258 8.64 -39.09 42.64
C ASN B 258 7.79 -37.83 42.88
N ASN B 259 7.46 -37.56 44.14
CA ASN B 259 6.65 -36.41 44.51
C ASN B 259 7.58 -35.25 44.84
N ILE B 260 7.46 -34.15 44.10
CA ILE B 260 8.38 -33.02 44.18
C ILE B 260 7.61 -31.76 44.59
N THR B 261 8.16 -31.04 45.56
CA THR B 261 7.69 -29.71 45.94
C THR B 261 8.65 -28.70 45.33
N LEU B 262 8.14 -27.88 44.41
CA LEU B 262 9.00 -27.00 43.60
C LEU B 262 9.93 -26.15 44.45
N GLN B 263 9.49 -25.79 45.65
CA GLN B 263 10.26 -24.90 46.51
C GLN B 263 11.35 -25.61 47.31
N ASN B 264 11.30 -26.94 47.43
CA ASN B 264 12.32 -27.69 48.15
C ASN B 264 13.68 -27.54 47.50
N GLY B 265 14.59 -26.82 48.16
CA GLY B 265 15.87 -26.51 47.58
C GLY B 265 15.93 -25.23 46.79
N CYS B 266 14.91 -24.36 46.90
CA CYS B 266 14.83 -23.12 46.15
C CYS B 266 13.61 -22.30 46.56
N GLU B 267 13.70 -21.61 47.69
CA GLU B 267 12.53 -20.93 48.24
C GLU B 267 12.27 -19.60 47.54
N ILE B 268 13.22 -19.14 46.71
CA ILE B 268 12.97 -17.92 45.92
C ILE B 268 12.11 -18.19 44.70
N ASP B 269 11.80 -19.45 44.39
CA ASP B 269 10.81 -19.78 43.36
C ASP B 269 9.42 -19.68 43.98
N LEU B 270 8.75 -18.55 43.74
CA LEU B 270 7.40 -18.30 44.22
C LEU B 270 6.34 -18.61 43.18
N SER B 271 6.62 -19.57 42.27
CA SER B 271 5.64 -19.94 41.26
C SER B 271 4.32 -20.30 41.91
N ASP B 272 3.22 -19.98 41.20
CA ASP B 272 1.89 -20.39 41.61
C ASP B 272 1.33 -21.34 40.56
N HIS B 273 0.00 -21.53 40.56
CA HIS B 273 -0.60 -22.51 39.66
C HIS B 273 -0.31 -22.20 38.19
N LEU B 274 -0.17 -20.91 37.85
CA LEU B 274 0.03 -20.50 36.47
C LEU B 274 1.51 -20.23 36.17
N SER B 275 2.16 -19.34 36.93
CA SER B 275 3.51 -18.94 36.56
C SER B 275 4.53 -20.07 36.73
N GLY B 276 4.14 -21.19 37.34
CA GLY B 276 5.04 -22.33 37.39
C GLY B 276 5.33 -22.88 36.02
N LEU B 277 4.34 -22.81 35.12
CA LEU B 277 4.57 -23.15 33.73
C LEU B 277 5.65 -22.30 33.09
N TYR B 278 6.09 -21.24 33.78
CA TYR B 278 7.12 -20.33 33.26
C TYR B 278 8.27 -20.20 34.25
N SER B 279 8.47 -21.21 35.08
CA SER B 279 9.58 -21.34 36.00
C SER B 279 10.73 -22.12 35.36
N TYR B 280 11.92 -21.52 35.33
CA TYR B 280 13.10 -22.24 34.88
C TYR B 280 13.37 -23.46 35.74
N ARG B 281 13.05 -23.37 37.04
CA ARG B 281 13.22 -24.53 37.90
C ARG B 281 12.27 -25.66 37.48
N LEU B 282 11.00 -25.34 37.24
CA LEU B 282 10.09 -26.37 36.74
C LEU B 282 10.61 -26.97 35.44
N VAL B 283 11.07 -26.13 34.51
CA VAL B 283 11.58 -26.64 33.24
C VAL B 283 12.73 -27.61 33.47
N GLY B 284 13.60 -27.30 34.43
CA GLY B 284 14.69 -28.22 34.78
C GLY B 284 14.18 -29.51 35.40
N LEU B 285 13.16 -29.44 36.27
CA LEU B 285 12.62 -30.68 36.85
C LEU B 285 12.07 -31.57 35.74
N VAL B 286 11.37 -30.99 34.76
CA VAL B 286 10.84 -31.76 33.64
C VAL B 286 11.97 -32.36 32.81
N LYS B 287 12.97 -31.55 32.46
CA LYS B 287 14.10 -32.07 31.67
C LYS B 287 14.86 -33.17 32.42
N LYS B 288 14.95 -33.05 33.74
CA LYS B 288 15.57 -34.09 34.56
C LYS B 288 14.76 -35.38 34.49
N ALA B 289 13.43 -35.30 34.71
CA ALA B 289 12.60 -36.49 34.61
C ALA B 289 12.70 -37.13 33.23
N LEU B 290 12.76 -36.30 32.18
CA LEU B 290 12.82 -36.82 30.83
C LEU B 290 14.17 -37.47 30.49
N ASP B 291 15.23 -37.13 31.22
CA ASP B 291 16.58 -37.66 30.94
C ASP B 291 17.32 -37.92 32.25
N PRO B 292 16.91 -38.96 33.01
CA PRO B 292 17.57 -39.27 34.29
C PRO B 292 19.05 -39.60 34.19
N THR B 293 19.42 -40.45 33.22
CA THR B 293 20.81 -40.88 33.03
C THR B 293 21.56 -39.75 32.38
N GLY B 294 21.39 -38.54 32.89
CA GLY B 294 21.90 -37.39 32.22
C GLY B 294 22.28 -36.22 33.04
N ASN B 295 22.12 -36.29 34.37
CA ASN B 295 22.45 -35.12 35.19
C ASN B 295 22.17 -33.80 34.49
N VAL B 296 20.89 -33.48 34.41
CA VAL B 296 20.42 -32.21 33.88
C VAL B 296 20.57 -31.10 34.92
N TYR B 297 20.64 -29.86 34.43
CA TYR B 297 20.79 -28.66 35.27
C TYR B 297 19.42 -28.19 35.74
N VAL B 298 19.14 -28.34 37.03
CA VAL B 298 17.90 -27.83 37.62
C VAL B 298 18.20 -26.48 38.24
N PRO B 299 17.90 -25.38 37.58
CA PRO B 299 18.25 -24.07 38.13
C PRO B 299 17.43 -23.76 39.37
N CYS B 300 17.91 -22.78 40.11
CA CYS B 300 17.15 -22.17 41.19
C CYS B 300 17.22 -20.66 41.00
N LEU B 301 16.14 -20.08 40.49
CA LEU B 301 16.12 -18.66 40.18
C LEU B 301 14.87 -18.09 40.81
N PRO B 302 14.81 -16.78 41.03
CA PRO B 302 13.55 -16.17 41.46
C PRO B 302 12.48 -16.33 40.40
N ASN B 303 11.26 -16.58 40.83
CA ASN B 303 10.08 -16.53 39.98
C ASN B 303 8.90 -16.07 40.81
N ALA B 304 8.11 -15.19 40.26
CA ALA B 304 7.03 -14.53 41.00
C ALA B 304 5.71 -15.20 40.70
N PRO B 305 4.70 -14.95 41.52
CA PRO B 305 3.34 -15.38 41.21
C PRO B 305 2.76 -14.48 40.12
N VAL B 306 1.53 -14.77 39.73
CA VAL B 306 0.83 -13.93 38.77
C VAL B 306 0.33 -12.65 39.44
N LEU B 307 -0.30 -12.77 40.59
CA LEU B 307 -0.82 -11.62 41.33
C LEU B 307 0.17 -11.18 42.39
N GLU B 308 0.23 -9.88 42.62
N GLU B 308 0.22 -9.87 42.63
CA GLU B 308 1.01 -9.36 43.73
CA GLU B 308 0.99 -9.34 43.74
C GLU B 308 0.37 -9.77 45.05
C GLU B 308 0.36 -9.79 45.06
N HIS B 309 1.20 -10.04 46.06
CA HIS B 309 0.71 -10.56 47.34
C HIS B 309 1.05 -9.69 48.55
N SER C 16 21.56 -30.41 -3.46
CA SER C 16 20.85 -29.14 -3.30
C SER C 16 19.35 -29.36 -3.09
N ASP C 17 18.98 -30.52 -2.55
CA ASP C 17 17.55 -30.70 -2.29
C ASP C 17 17.15 -31.35 -0.96
N PRO C 18 18.05 -31.79 -0.07
CA PRO C 18 17.58 -32.34 1.23
C PRO C 18 17.05 -31.23 2.12
N VAL C 19 15.86 -31.45 2.69
CA VAL C 19 15.19 -30.45 3.51
C VAL C 19 15.51 -30.71 4.98
N GLY C 20 16.09 -29.73 5.65
CA GLY C 20 16.36 -29.82 7.07
C GLY C 20 15.20 -29.36 7.93
N PRO C 21 15.26 -29.67 9.22
CA PRO C 21 14.18 -29.29 10.12
C PRO C 21 14.21 -27.81 10.47
N GLU C 22 13.03 -27.27 10.75
CA GLU C 22 12.94 -25.90 11.25
C GLU C 22 13.73 -25.77 12.54
N GLN C 23 14.33 -24.61 12.74
CA GLN C 23 15.18 -24.37 13.90
C GLN C 23 14.71 -23.11 14.60
N ILE C 24 15.04 -23.03 15.90
CA ILE C 24 14.70 -21.84 16.67
C ILE C 24 15.95 -21.15 17.23
N SER C 25 17.13 -21.59 16.81
CA SER C 25 18.39 -21.06 17.33
C SER C 25 19.46 -21.19 16.26
N PHE C 26 20.41 -20.24 16.24
CA PHE C 26 21.34 -20.20 15.11
C PHE C 26 22.37 -21.33 15.17
N LEU C 27 23.06 -21.47 16.30
CA LEU C 27 24.15 -22.45 16.34
C LEU C 27 23.70 -23.88 16.07
N PRO C 28 22.59 -24.39 16.59
CA PRO C 28 22.19 -25.76 16.22
C PRO C 28 21.89 -25.89 14.75
N ALA C 29 21.30 -24.86 14.14
CA ALA C 29 21.07 -24.90 12.71
C ALA C 29 22.39 -24.91 11.95
N LYS C 30 23.37 -24.12 12.40
CA LYS C 30 24.68 -24.13 11.77
C LYS C 30 25.31 -25.50 11.88
N LEU C 31 25.21 -26.12 13.06
CA LEU C 31 25.81 -27.43 13.26
C LEU C 31 25.18 -28.45 12.31
N TYR C 32 23.86 -28.52 12.28
CA TYR C 32 23.19 -29.34 11.29
C TYR C 32 23.76 -29.07 9.91
N SER C 33 23.90 -27.79 9.54
CA SER C 33 24.32 -27.48 8.17
C SER C 33 25.71 -28.05 7.90
N SER C 34 26.54 -28.14 8.93
CA SER C 34 27.92 -28.60 8.70
C SER C 34 27.96 -30.06 8.27
N LEU C 35 26.91 -30.84 8.50
CA LEU C 35 26.83 -32.22 8.02
C LEU C 35 25.87 -32.39 6.85
N ALA C 36 25.06 -31.38 6.53
CA ALA C 36 24.22 -31.40 5.33
C ALA C 36 24.33 -30.05 4.66
N PRO C 37 25.50 -29.71 4.11
CA PRO C 37 25.73 -28.32 3.68
C PRO C 37 24.78 -27.84 2.60
N THR C 38 24.11 -28.74 1.89
CA THR C 38 23.20 -28.37 0.80
C THR C 38 21.75 -28.32 1.26
N ALA C 39 21.50 -28.51 2.55
CA ALA C 39 20.15 -28.55 3.09
C ALA C 39 19.38 -27.27 2.80
N LEU C 40 18.11 -27.42 2.61
CA LEU C 40 17.08 -26.42 2.46
C LEU C 40 16.36 -26.24 3.78
N PRO C 41 16.16 -25.02 4.27
CA PRO C 41 15.23 -24.84 5.38
C PRO C 41 13.84 -25.23 4.92
N PRO C 42 12.94 -25.59 5.83
CA PRO C 42 11.60 -26.02 5.41
C PRO C 42 10.88 -24.94 4.61
N GLY C 43 9.99 -25.36 3.73
CA GLY C 43 9.12 -24.45 2.99
C GLY C 43 9.79 -23.74 1.85
N THR C 44 10.95 -24.21 1.40
CA THR C 44 11.80 -23.45 0.51
C THR C 44 12.15 -24.27 -0.73
N ASN C 45 12.11 -23.59 -1.88
CA ASN C 45 12.48 -24.19 -3.17
C ASN C 45 11.56 -25.35 -3.53
N ASP C 46 10.27 -25.18 -3.25
CA ASP C 46 9.23 -25.95 -3.90
C ASP C 46 8.95 -25.31 -5.26
N TRP C 47 9.43 -25.93 -6.34
CA TRP C 47 9.29 -25.34 -7.67
C TRP C 47 7.90 -25.51 -8.28
N THR C 48 6.95 -26.11 -7.56
CA THR C 48 5.54 -26.12 -7.93
C THR C 48 4.75 -24.99 -7.32
N CYS C 49 5.35 -24.17 -6.45
CA CYS C 49 4.61 -23.16 -5.71
C CYS C 49 4.10 -22.07 -6.63
N GLN C 50 2.87 -21.66 -6.43
CA GLN C 50 2.27 -20.60 -7.24
C GLN C 50 1.87 -19.46 -6.33
N PRO C 51 2.51 -18.30 -6.43
CA PRO C 51 2.12 -17.16 -5.59
C PRO C 51 0.62 -16.88 -5.71
N SER C 52 0.00 -16.59 -4.58
CA SER C 52 -1.41 -16.23 -4.54
C SER C 52 -1.57 -14.77 -4.93
N ALA C 53 -2.83 -14.30 -5.03
CA ALA C 53 -3.05 -12.89 -5.30
C ALA C 53 -2.70 -12.02 -4.10
N ALA C 54 -2.93 -12.54 -2.89
CA ALA C 54 -2.59 -11.79 -1.69
C ALA C 54 -1.10 -11.51 -1.61
N HIS C 55 -0.27 -12.45 -2.09
CA HIS C 55 1.18 -12.36 -1.95
C HIS C 55 1.81 -12.73 -3.29
N PRO C 56 1.67 -11.86 -4.29
CA PRO C 56 1.97 -12.24 -5.67
C PRO C 56 3.44 -12.39 -5.97
N ARG C 57 4.32 -11.92 -5.09
CA ARG C 57 5.74 -11.93 -5.35
C ARG C 57 6.41 -13.04 -4.56
N PRO C 58 7.11 -13.95 -5.20
CA PRO C 58 7.94 -14.91 -4.44
C PRO C 58 9.02 -14.17 -3.67
N VAL C 59 9.51 -14.81 -2.60
CA VAL C 59 10.57 -14.26 -1.74
C VAL C 59 11.87 -15.03 -1.96
N VAL C 60 12.95 -14.31 -2.24
CA VAL C 60 14.30 -14.88 -2.35
C VAL C 60 15.10 -14.49 -1.11
N LEU C 61 15.61 -15.49 -0.40
CA LEU C 61 16.47 -15.29 0.76
C LEU C 61 17.93 -15.46 0.34
N VAL C 62 18.80 -14.56 0.84
CA VAL C 62 20.21 -14.46 0.43
C VAL C 62 21.08 -14.40 1.68
N HIS C 63 21.88 -15.46 1.88
CA HIS C 63 22.58 -15.71 3.14
C HIS C 63 23.85 -14.87 3.26
N GLY C 64 24.54 -15.03 4.39
CA GLY C 64 25.67 -14.22 4.75
C GLY C 64 27.00 -14.95 4.65
N THR C 65 28.05 -14.24 5.08
CA THR C 65 29.42 -14.74 4.98
C THR C 65 29.60 -15.96 5.87
N TRP C 66 30.34 -16.95 5.37
CA TRP C 66 30.58 -18.22 6.06
C TRP C 66 29.28 -18.93 6.47
N ALA C 67 28.16 -18.62 5.82
CA ALA C 67 26.85 -19.16 6.14
C ALA C 67 26.26 -19.87 4.92
N ASN C 68 25.01 -20.28 5.05
CA ASN C 68 24.30 -20.93 3.96
C ASN C 68 22.81 -20.66 4.14
N ARG C 69 22.03 -21.14 3.18
CA ARG C 69 20.60 -20.86 3.22
C ARG C 69 19.93 -21.50 4.43
N TYR C 70 20.47 -22.63 4.92
CA TYR C 70 19.81 -23.35 6.00
C TYR C 70 20.02 -22.64 7.35
N ASP C 71 21.29 -22.48 7.76
CA ASP C 71 21.53 -21.88 9.07
C ASP C 71 21.06 -20.42 9.12
N SER C 72 21.19 -19.68 8.01
CA SER C 72 20.64 -18.32 7.96
C SER C 72 19.12 -18.32 8.12
N PHE C 73 18.41 -19.28 7.49
CA PHE C 73 16.97 -19.13 7.29
C PHE C 73 16.10 -20.25 7.84
N ALA C 74 16.63 -21.11 8.72
CA ALA C 74 15.81 -22.22 9.19
C ALA C 74 14.71 -21.78 10.15
N MET C 75 14.63 -20.49 10.48
CA MET C 75 13.47 -19.95 11.15
C MET C 75 12.68 -19.04 10.24
N ILE C 76 13.37 -18.09 9.60
CA ILE C 76 12.68 -17.12 8.77
C ILE C 76 11.85 -17.81 7.67
N ALA C 77 12.44 -18.79 6.99
CA ALA C 77 11.74 -19.39 5.85
C ALA C 77 10.46 -20.10 6.26
N PRO C 78 10.47 -21.02 7.24
CA PRO C 78 9.21 -21.66 7.67
C PRO C 78 8.12 -20.66 8.03
N HIS C 79 8.50 -19.57 8.72
CA HIS C 79 7.49 -18.60 9.13
C HIS C 79 6.92 -17.88 7.91
N LEU C 80 7.79 -17.50 6.95
CA LEU C 80 7.27 -16.85 5.74
C LEU C 80 6.37 -17.80 4.98
N LYS C 81 6.72 -19.08 4.93
CA LYS C 81 5.88 -20.06 4.28
C LYS C 81 4.50 -20.11 4.95
N ARG C 82 4.48 -20.19 6.29
CA ARG C 82 3.18 -20.20 6.96
C ARG C 82 2.40 -18.92 6.73
N ALA C 83 3.07 -17.80 6.43
CA ALA C 83 2.34 -16.57 6.13
C ALA C 83 1.83 -16.51 4.69
N GLY C 84 2.06 -17.55 3.89
CA GLY C 84 1.50 -17.65 2.54
C GLY C 84 2.37 -17.19 1.39
N TYR C 85 3.70 -17.17 1.56
CA TYR C 85 4.64 -16.80 0.51
C TYR C 85 5.23 -18.05 -0.13
N CYS C 86 5.61 -17.91 -1.40
CA CYS C 86 6.49 -18.89 -2.03
C CYS C 86 7.92 -18.45 -1.76
N VAL C 87 8.68 -19.31 -1.10
CA VAL C 87 10.00 -18.94 -0.58
C VAL C 87 11.09 -19.72 -1.30
N TYR C 88 12.21 -19.04 -1.58
CA TYR C 88 13.33 -19.57 -2.36
C TYR C 88 14.64 -19.08 -1.72
N ALA C 89 15.66 -19.93 -1.72
CA ALA C 89 16.95 -19.55 -1.18
C ALA C 89 18.06 -20.22 -1.98
N LEU C 90 19.12 -19.48 -2.26
CA LEU C 90 20.24 -20.06 -2.99
C LEU C 90 21.46 -20.12 -2.08
N ASN C 91 22.39 -21.01 -2.43
CA ASN C 91 23.74 -20.94 -1.90
C ASN C 91 24.65 -20.31 -2.97
N TYR C 92 25.39 -19.28 -2.57
CA TYR C 92 26.22 -18.54 -3.51
C TYR C 92 27.61 -18.29 -2.91
N GLY C 93 28.53 -17.82 -3.76
CA GLY C 93 29.85 -17.43 -3.32
C GLY C 93 30.74 -18.58 -2.89
N ASP C 94 30.45 -19.80 -3.35
CA ASP C 94 31.23 -20.95 -2.92
C ASP C 94 32.58 -20.98 -3.61
N GLU C 95 33.65 -21.05 -2.82
CA GLU C 95 34.98 -21.29 -3.36
C GLU C 95 35.73 -22.22 -2.43
N ASN C 96 36.82 -22.76 -2.96
CA ASN C 96 37.52 -23.87 -2.35
C ASN C 96 38.96 -23.52 -2.01
N VAL C 97 39.37 -22.27 -2.19
CA VAL C 97 40.79 -21.95 -2.12
C VAL C 97 41.15 -21.43 -0.75
N SER C 98 40.33 -20.55 -0.18
CA SER C 98 40.56 -20.08 1.17
C SER C 98 40.41 -21.24 2.16
N VAL C 99 41.00 -21.06 3.35
CA VAL C 99 40.90 -22.11 4.36
C VAL C 99 39.46 -22.27 4.83
N LEU C 100 38.86 -21.17 5.30
CA LEU C 100 37.51 -21.27 5.80
C LEU C 100 36.57 -21.80 4.71
N GLY C 101 36.79 -21.38 3.46
CA GLY C 101 35.97 -21.87 2.36
C GLY C 101 36.07 -23.36 2.13
N GLN C 102 37.05 -24.03 2.74
CA GLN C 102 37.13 -25.48 2.66
C GLN C 102 36.34 -26.18 3.77
N LEU C 103 35.68 -25.42 4.66
CA LEU C 103 34.84 -26.04 5.66
C LEU C 103 33.42 -26.20 5.12
N PRO C 104 32.69 -27.23 5.55
CA PRO C 104 31.36 -27.49 4.97
C PRO C 104 30.31 -26.50 5.47
N GLY C 105 29.54 -25.96 4.53
CA GLY C 105 28.46 -25.05 4.85
C GLY C 105 28.85 -23.60 4.94
N LEU C 106 30.14 -23.28 4.88
CA LEU C 106 30.61 -21.90 4.92
C LEU C 106 30.69 -21.41 3.48
N TYR C 107 29.66 -20.70 3.03
CA TYR C 107 29.62 -20.18 1.67
C TYR C 107 29.83 -18.67 1.72
N ALA C 108 29.71 -18.03 0.55
CA ALA C 108 29.89 -16.58 0.47
C ALA C 108 31.29 -16.16 0.95
N THR C 109 32.28 -16.99 0.66
CA THR C 109 33.66 -16.58 0.89
C THR C 109 34.30 -15.98 -0.35
N GLN C 110 33.70 -16.23 -1.51
CA GLN C 110 34.17 -15.64 -2.77
C GLN C 110 34.02 -14.12 -2.72
N THR C 111 34.88 -13.42 -3.46
CA THR C 111 34.72 -11.98 -3.64
C THR C 111 33.30 -11.65 -4.09
N ILE C 112 32.75 -10.53 -3.60
CA ILE C 112 31.31 -10.37 -3.52
C ILE C 112 30.67 -9.98 -4.86
N LYS C 113 31.31 -9.12 -5.67
CA LYS C 113 30.61 -8.60 -6.83
C LYS C 113 29.90 -9.68 -7.66
N PRO C 114 30.63 -10.72 -8.12
CA PRO C 114 29.98 -11.76 -8.95
C PRO C 114 28.82 -12.49 -8.26
N ALA C 115 28.63 -12.34 -6.95
CA ALA C 115 27.44 -12.92 -6.33
C ALA C 115 26.16 -12.44 -7.01
N GLY C 116 26.18 -11.19 -7.50
CA GLY C 116 25.04 -10.70 -8.28
C GLY C 116 24.71 -11.61 -9.44
N GLY C 117 25.74 -12.04 -10.18
CA GLY C 117 25.52 -12.99 -11.25
C GLY C 117 24.75 -14.20 -10.77
N GLU C 118 25.22 -14.82 -9.68
CA GLU C 118 24.54 -16.01 -9.18
C GLU C 118 23.11 -15.67 -8.80
N ILE C 119 22.94 -14.55 -8.10
CA ILE C 119 21.61 -14.19 -7.68
C ILE C 119 20.74 -13.96 -8.90
N SER C 120 21.32 -13.32 -9.93
CA SER C 120 20.57 -13.11 -11.16
C SER C 120 20.03 -14.44 -11.69
N SER C 121 20.91 -15.42 -11.86
CA SER C 121 20.45 -16.70 -12.43
C SER C 121 19.33 -17.26 -11.57
N PHE C 122 19.52 -17.22 -10.24
CA PHE C 122 18.53 -17.80 -9.34
C PHE C 122 17.20 -17.08 -9.52
N VAL C 123 17.24 -15.74 -9.52
CA VAL C 123 15.99 -15.00 -9.59
C VAL C 123 15.27 -15.32 -10.90
N ASP C 124 16.03 -15.50 -11.98
CA ASP C 124 15.37 -15.80 -13.25
C ASP C 124 14.66 -17.14 -13.14
N GLN C 125 15.37 -18.15 -12.65
CA GLN C 125 14.74 -19.42 -12.34
C GLN C 125 13.44 -19.21 -11.57
N VAL C 126 13.52 -18.43 -10.49
CA VAL C 126 12.33 -18.26 -9.65
C VAL C 126 11.21 -17.64 -10.45
N LEU C 127 11.52 -16.54 -11.14
CA LEU C 127 10.50 -15.86 -11.95
C LEU C 127 9.89 -16.84 -12.95
N ASP C 128 10.74 -17.60 -13.64
CA ASP C 128 10.22 -18.49 -14.68
C ASP C 128 9.34 -19.56 -14.05
N SER C 129 9.73 -20.05 -12.88
CA SER C 129 8.94 -21.13 -12.32
C SER C 129 7.62 -20.63 -11.75
N THR C 130 7.53 -19.33 -11.40
CA THR C 130 6.33 -18.83 -10.73
C THR C 130 5.42 -18.01 -11.61
N GLY C 131 5.93 -17.50 -12.74
CA GLY C 131 5.15 -16.64 -13.58
C GLY C 131 4.98 -15.23 -13.05
N ALA C 132 5.56 -14.91 -11.88
CA ALA C 132 5.52 -13.56 -11.35
C ALA C 132 6.44 -12.65 -12.17
N ASP C 133 6.09 -11.36 -12.19
CA ASP C 133 6.94 -10.37 -12.83
C ASP C 133 8.10 -9.93 -11.95
N GLN C 134 8.00 -10.11 -10.63
CA GLN C 134 8.94 -9.52 -9.69
C GLN C 134 9.09 -10.46 -8.49
N VAL C 135 10.29 -10.46 -7.91
CA VAL C 135 10.52 -11.10 -6.62
C VAL C 135 10.68 -10.02 -5.55
N ASP C 136 10.55 -10.42 -4.30
CA ASP C 136 11.02 -9.66 -3.14
C ASP C 136 12.22 -10.40 -2.56
N MET C 137 13.18 -9.65 -2.01
CA MET C 137 14.47 -10.21 -1.59
C MET C 137 14.81 -9.78 -0.18
N PHE C 138 15.17 -10.76 0.65
CA PHE C 138 15.73 -10.50 1.97
C PHE C 138 17.16 -11.01 2.03
N GLY C 139 18.06 -10.14 2.51
CA GLY C 139 19.48 -10.44 2.62
C GLY C 139 20.03 -10.20 4.02
N TRP C 140 20.78 -11.18 4.52
CA TRP C 140 21.46 -11.07 5.80
C TRP C 140 22.93 -10.74 5.61
N SER C 141 23.40 -9.64 6.21
CA SER C 141 24.83 -9.35 6.28
C SER C 141 25.35 -9.22 4.84
N GLN C 142 26.34 -10.01 4.42
CA GLN C 142 26.81 -9.94 3.04
C GLN C 142 25.66 -10.05 2.04
N GLY C 143 24.67 -10.92 2.33
CA GLY C 143 23.52 -11.07 1.45
C GLY C 143 22.88 -9.76 1.02
N GLY C 144 22.93 -8.74 1.89
CA GLY C 144 22.40 -7.44 1.48
C GLY C 144 23.19 -6.82 0.33
N ILE C 145 24.52 -6.75 0.47
CA ILE C 145 25.33 -6.12 -0.55
C ILE C 145 25.46 -7.02 -1.77
N ALA C 146 25.52 -8.33 -1.57
CA ALA C 146 25.38 -9.21 -2.72
C ALA C 146 24.08 -8.94 -3.46
N ALA C 147 22.97 -8.73 -2.73
CA ALA C 147 21.73 -8.39 -3.43
C ALA C 147 21.87 -7.05 -4.11
N ARG C 148 22.54 -6.11 -3.44
CA ARG C 148 22.69 -4.81 -4.08
C ARG C 148 23.54 -4.94 -5.33
N SER C 149 24.49 -5.88 -5.33
CA SER C 149 25.32 -6.07 -6.51
C SER C 149 24.43 -6.50 -7.67
N TYR C 150 23.51 -7.43 -7.40
CA TYR C 150 22.52 -7.85 -8.40
C TYR C 150 21.77 -6.64 -8.93
N LEU C 151 21.27 -5.81 -8.01
CA LEU C 151 20.54 -4.60 -8.37
C LEU C 151 21.36 -3.70 -9.28
N LYS C 152 22.67 -3.58 -9.00
CA LYS C 152 23.36 -2.50 -9.67
C LYS C 152 24.08 -2.97 -10.92
N PHE C 153 24.63 -4.17 -10.92
CA PHE C 153 25.50 -4.62 -11.98
C PHE C 153 24.95 -5.80 -12.79
N TYR C 154 23.93 -6.51 -12.33
CA TYR C 154 23.57 -7.78 -12.95
C TYR C 154 22.10 -7.85 -13.34
N GLY C 155 21.41 -6.72 -13.43
CA GLY C 155 20.11 -6.72 -14.05
C GLY C 155 18.91 -6.83 -13.13
N GLY C 156 19.11 -6.84 -11.81
CA GLY C 156 17.99 -6.80 -10.88
C GLY C 156 17.16 -5.52 -10.96
N THR C 157 17.71 -4.49 -11.60
CA THR C 157 17.09 -3.19 -11.80
C THR C 157 17.01 -2.88 -13.28
N ASN C 158 16.04 -2.07 -13.68
CA ASN C 158 15.89 -1.61 -15.06
C ASN C 158 15.84 -0.10 -15.06
N ALA C 159 16.95 0.53 -15.49
CA ALA C 159 17.06 1.98 -15.43
C ALA C 159 16.05 2.67 -16.35
N ALA C 160 15.86 2.15 -17.57
CA ALA C 160 14.92 2.78 -18.49
C ALA C 160 13.49 2.75 -17.98
N ASN C 161 13.12 1.71 -17.23
CA ASN C 161 11.73 1.50 -16.82
C ASN C 161 11.74 0.86 -15.45
N PRO C 162 11.84 1.68 -14.39
CA PRO C 162 11.98 1.11 -13.04
C PRO C 162 10.78 0.30 -12.57
N ALA C 163 9.61 0.47 -13.18
CA ALA C 163 8.50 -0.40 -12.79
C ALA C 163 8.73 -1.83 -13.24
N ALA C 164 9.65 -2.05 -14.18
CA ALA C 164 9.95 -3.40 -14.64
C ALA C 164 11.17 -4.01 -13.93
N ASN C 165 11.63 -3.39 -12.83
CA ASN C 165 12.63 -4.01 -11.95
C ASN C 165 12.25 -5.44 -11.63
N LYS C 166 13.20 -6.37 -11.79
CA LYS C 166 12.96 -7.74 -11.33
C LYS C 166 12.85 -7.86 -9.81
N VAL C 167 13.39 -6.93 -9.04
CA VAL C 167 13.27 -6.94 -7.58
C VAL C 167 12.45 -5.75 -7.15
N LYS C 168 11.41 -5.98 -6.35
CA LYS C 168 10.60 -4.87 -5.86
C LYS C 168 11.06 -4.39 -4.49
N ASN C 169 11.10 -5.29 -3.50
CA ASN C 169 11.57 -4.98 -2.15
C ASN C 169 12.93 -5.60 -1.88
N LEU C 170 13.85 -4.81 -1.35
CA LEU C 170 15.05 -5.33 -0.70
C LEU C 170 14.93 -5.09 0.80
N ILE C 171 14.94 -6.17 1.58
CA ILE C 171 14.88 -6.14 3.03
C ILE C 171 16.18 -6.73 3.52
N THR C 172 16.81 -6.08 4.51
CA THR C 172 18.09 -6.57 4.98
C THR C 172 18.16 -6.53 6.49
N PHE C 173 19.00 -7.41 7.04
CA PHE C 173 19.34 -7.38 8.45
C PHE C 173 20.85 -7.45 8.60
N GLY C 174 21.42 -6.47 9.31
CA GLY C 174 22.86 -6.46 9.53
C GLY C 174 23.68 -6.30 8.26
N ALA C 175 23.09 -5.78 7.20
CA ALA C 175 23.82 -5.57 5.96
C ALA C 175 25.05 -4.69 6.18
N THR C 176 26.19 -5.18 5.75
CA THR C 176 27.42 -4.41 5.77
C THR C 176 27.44 -3.39 4.64
N ASN C 177 26.42 -2.51 4.60
CA ASN C 177 26.15 -1.69 3.42
C ASN C 177 27.25 -0.68 3.13
N HIS C 178 27.92 -0.18 4.16
CA HIS C 178 29.02 0.76 3.99
C HIS C 178 30.24 0.26 4.75
N GLY C 179 30.44 -1.06 4.70
CA GLY C 179 31.58 -1.67 5.36
C GLY C 179 31.43 -1.59 6.87
N THR C 180 32.38 -2.22 7.56
CA THR C 180 32.27 -2.39 9.01
C THR C 180 33.62 -2.25 9.69
N THR C 181 33.63 -1.49 10.79
CA THR C 181 34.78 -1.41 11.68
C THR C 181 34.96 -2.66 12.55
N LEU C 182 33.94 -3.53 12.66
CA LEU C 182 34.07 -4.77 13.43
C LEU C 182 34.33 -4.48 14.91
N SER C 183 33.49 -3.62 15.49
CA SER C 183 33.82 -3.10 16.82
C SER C 183 33.78 -4.19 17.90
N GLY C 184 33.18 -5.34 17.63
CA GLY C 184 33.33 -6.49 18.53
C GLY C 184 34.77 -6.96 18.71
N LEU C 185 35.65 -6.64 17.77
CA LEU C 185 37.06 -6.97 17.92
C LEU C 185 37.84 -5.85 18.58
N GLY C 186 37.18 -4.75 18.92
CA GLY C 186 37.89 -3.62 19.48
C GLY C 186 39.07 -3.23 18.62
N ALA C 187 40.15 -2.81 19.29
CA ALA C 187 41.32 -2.36 18.55
C ALA C 187 41.90 -3.45 17.63
N LEU C 188 41.62 -4.74 17.90
CA LEU C 188 42.15 -5.78 17.04
C LEU C 188 41.66 -5.64 15.61
N ALA C 189 40.50 -5.01 15.41
CA ALA C 189 40.05 -4.72 14.05
C ALA C 189 41.17 -4.04 13.25
N GLY C 190 41.75 -2.98 13.78
CA GLY C 190 42.77 -2.27 13.04
C GLY C 190 44.05 -3.05 12.78
N GLN C 191 44.17 -4.27 13.27
CA GLN C 191 45.36 -5.08 13.02
C GLN C 191 45.19 -6.03 11.85
N LEU C 192 43.98 -6.10 11.30
CA LEU C 192 43.67 -6.97 10.17
C LEU C 192 44.24 -6.39 8.88
N ALA C 193 45.04 -7.19 8.18
CA ALA C 193 45.63 -6.75 6.93
C ALA C 193 44.75 -7.19 5.76
N PRO C 194 44.07 -6.26 5.06
CA PRO C 194 43.24 -6.66 3.91
C PRO C 194 43.95 -7.60 2.95
N ALA C 195 45.24 -7.41 2.72
CA ALA C 195 45.92 -8.20 1.69
C ALA C 195 46.22 -9.61 2.16
N THR C 196 46.21 -9.91 3.46
CA THR C 196 46.64 -11.23 3.92
C THR C 196 45.50 -12.09 4.45
N ILE C 197 44.35 -11.49 4.78
CA ILE C 197 43.23 -12.25 5.32
C ILE C 197 42.55 -13.10 4.25
N PRO C 198 42.46 -12.69 2.98
CA PRO C 198 41.67 -13.49 2.01
C PRO C 198 42.01 -14.96 2.04
N PRO C 199 43.30 -15.34 2.03
CA PRO C 199 43.65 -16.77 2.00
C PRO C 199 43.15 -17.55 3.20
N VAL C 200 42.92 -16.88 4.33
CA VAL C 200 42.40 -17.57 5.51
C VAL C 200 40.88 -17.51 5.55
N LEU C 201 40.34 -16.31 5.31
CA LEU C 201 38.95 -16.00 5.52
C LEU C 201 38.12 -16.05 4.24
N GLY C 202 38.74 -15.87 3.07
CA GLY C 202 38.06 -15.68 1.83
C GLY C 202 38.07 -14.22 1.47
N PRO C 203 38.15 -13.90 0.18
CA PRO C 203 38.11 -12.47 -0.24
C PRO C 203 36.94 -11.68 0.33
N ALA C 204 35.76 -12.29 0.51
CA ALA C 204 34.57 -11.53 0.91
C ALA C 204 34.76 -10.80 2.23
N ALA C 205 35.62 -11.31 3.10
CA ALA C 205 35.93 -10.62 4.35
C ALA C 205 36.55 -9.27 4.06
N ALA C 206 37.59 -9.25 3.23
CA ALA C 206 38.20 -7.96 2.87
C ALA C 206 37.21 -7.10 2.11
N ASP C 207 36.35 -7.72 1.29
CA ASP C 207 35.35 -6.94 0.55
C ASP C 207 34.41 -6.19 1.50
N GLN C 208 34.24 -6.65 2.74
CA GLN C 208 33.37 -5.92 3.65
C GLN C 208 34.09 -4.96 4.60
N LEU C 209 35.41 -4.83 4.52
CA LEU C 209 36.10 -3.87 5.38
C LEU C 209 35.83 -2.44 4.91
N ILE C 210 35.96 -1.48 5.83
CA ILE C 210 35.78 -0.07 5.47
C ILE C 210 36.61 0.26 4.25
N ASP C 211 36.00 0.96 3.28
CA ASP C 211 36.69 1.44 2.07
C ASP C 211 37.26 0.33 1.21
N SER C 212 36.61 -0.84 1.20
CA SER C 212 37.02 -1.85 0.25
C SER C 212 36.75 -1.33 -1.16
N PRO C 213 37.59 -1.68 -2.13
CA PRO C 213 37.27 -1.30 -3.51
C PRO C 213 35.86 -1.72 -3.91
N PHE C 214 35.45 -2.95 -3.58
CA PHE C 214 34.09 -3.37 -3.94
C PHE C 214 33.06 -2.40 -3.40
N LEU C 215 33.14 -2.05 -2.12
CA LEU C 215 32.15 -1.14 -1.53
C LEU C 215 32.21 0.25 -2.17
N THR C 216 33.40 0.75 -2.48
CA THR C 216 33.49 2.04 -3.19
C THR C 216 32.76 1.97 -4.53
N GLU C 217 32.94 0.88 -5.29
CA GLU C 217 32.21 0.74 -6.54
C GLU C 217 30.70 0.62 -6.28
N LEU C 218 30.32 -0.23 -5.32
CA LEU C 218 28.91 -0.46 -5.02
C LEU C 218 28.20 0.84 -4.70
N ASN C 219 28.76 1.64 -3.78
CA ASN C 219 28.14 2.87 -3.29
C ASN C 219 28.44 4.11 -4.13
N ALA C 220 29.27 4.00 -5.16
CA ALA C 220 29.55 5.14 -6.03
C ALA C 220 28.26 5.65 -6.66
N GLY C 221 27.99 6.94 -6.53
CA GLY C 221 26.81 7.52 -7.11
C GLY C 221 25.59 7.49 -6.22
N GLY C 222 25.59 6.66 -5.18
CA GLY C 222 24.50 6.64 -4.22
C GLY C 222 24.12 5.26 -3.75
N ASP C 223 23.24 5.19 -2.76
CA ASP C 223 22.87 3.95 -2.10
C ASP C 223 21.83 3.13 -2.88
N THR C 224 21.02 3.75 -3.74
CA THR C 224 19.82 3.09 -4.26
C THR C 224 19.77 3.13 -5.78
N GLN C 225 19.05 2.15 -6.36
CA GLN C 225 18.61 2.26 -7.74
C GLN C 225 17.14 2.65 -7.78
N PRO C 226 16.71 3.36 -8.82
CA PRO C 226 15.31 3.81 -8.88
C PRO C 226 14.33 2.63 -8.94
N GLY C 227 13.23 2.76 -8.20
CA GLY C 227 12.17 1.79 -8.25
C GLY C 227 12.16 0.77 -7.15
N VAL C 228 13.19 0.70 -6.30
CA VAL C 228 13.28 -0.31 -5.26
C VAL C 228 12.79 0.26 -3.94
N THR C 229 11.95 -0.48 -3.24
CA THR C 229 11.59 -0.16 -1.85
C THR C 229 12.54 -0.89 -0.89
N TYR C 230 13.31 -0.13 -0.11
CA TYR C 230 14.32 -0.70 0.78
C TYR C 230 13.84 -0.67 2.23
N THR C 231 13.89 -1.83 2.89
CA THR C 231 13.68 -1.90 4.34
C THR C 231 14.96 -2.44 4.97
N ILE C 232 15.71 -1.56 5.62
CA ILE C 232 17.03 -1.89 6.16
C ILE C 232 16.95 -1.94 7.68
N ILE C 233 17.12 -3.14 8.23
CA ILE C 233 17.00 -3.38 9.67
C ILE C 233 18.38 -3.56 10.27
N GLY C 234 18.60 -2.93 11.42
CA GLY C 234 19.85 -3.08 12.14
C GLY C 234 19.59 -3.21 13.63
N SER C 235 20.49 -3.91 14.31
CA SER C 235 20.37 -4.13 15.74
C SER C 235 21.39 -3.29 16.51
N ARG C 236 20.96 -2.75 17.65
CA ARG C 236 21.87 -1.99 18.50
C ARG C 236 23.03 -2.85 18.99
N TYR C 237 22.81 -4.15 19.14
CA TYR C 237 23.82 -5.04 19.72
C TYR C 237 24.52 -5.89 18.67
N ASP C 238 24.38 -5.54 17.39
CA ASP C 238 25.19 -6.14 16.34
C ASP C 238 26.62 -5.65 16.51
N GLU C 239 27.54 -6.54 16.86
CA GLU C 239 28.94 -6.17 16.96
C GLU C 239 29.74 -6.64 15.76
N VAL C 240 29.07 -7.17 14.74
CA VAL C 240 29.74 -7.63 13.53
C VAL C 240 29.69 -6.58 12.44
N SER C 241 28.55 -5.95 12.21
CA SER C 241 28.42 -4.97 11.15
C SER C 241 28.22 -3.59 11.80
N THR C 242 29.33 -2.91 12.08
CA THR C 242 29.39 -1.80 13.01
C THR C 242 30.04 -0.57 12.38
N PRO C 243 29.74 0.64 12.89
CA PRO C 243 28.65 0.85 13.86
C PRO C 243 27.36 0.40 13.22
N TYR C 244 26.37 -0.03 14.01
CA TYR C 244 25.19 -0.64 13.41
C TYR C 244 24.48 0.31 12.45
N GLN C 245 24.49 1.62 12.75
CA GLN C 245 23.82 2.60 11.91
C GLN C 245 24.41 2.69 10.51
N ARG C 246 25.65 2.27 10.32
CA ARG C 246 26.20 2.26 8.97
C ARG C 246 25.36 1.42 8.01
N THR C 247 24.61 0.43 8.51
CA THR C 247 23.81 -0.39 7.60
C THR C 247 22.78 0.45 6.87
N PHE C 248 22.37 1.57 7.47
CA PHE C 248 21.27 2.34 6.94
C PHE C 248 21.62 2.95 5.59
N LEU C 249 20.59 3.18 4.79
CA LEU C 249 20.75 3.66 3.42
C LEU C 249 20.08 5.02 3.29
N THR C 250 20.54 5.80 2.32
CA THR C 250 19.93 7.09 2.01
C THR C 250 19.18 6.99 0.68
N ALA C 251 17.91 7.35 0.69
CA ALA C 251 17.09 7.23 -0.52
C ALA C 251 17.63 8.12 -1.63
N GLY C 252 17.78 7.54 -2.82
CA GLY C 252 18.05 8.32 -4.01
C GLY C 252 16.77 8.56 -4.79
N PRO C 253 16.86 9.23 -5.94
CA PRO C 253 15.67 9.50 -6.74
C PRO C 253 14.95 8.22 -7.13
N GLY C 254 13.63 8.22 -6.97
CA GLY C 254 12.81 7.10 -7.40
C GLY C 254 12.80 5.89 -6.50
N ALA C 255 13.34 5.99 -5.29
CA ALA C 255 13.42 4.87 -4.38
C ALA C 255 13.00 5.34 -2.99
N THR C 256 12.65 4.38 -2.14
CA THR C 256 12.32 4.68 -0.75
C THR C 256 13.18 3.81 0.16
N VAL C 257 13.59 4.41 1.27
CA VAL C 257 14.36 3.75 2.31
C VAL C 257 13.62 3.94 3.63
N ASN C 258 13.25 2.83 4.25
CA ASN C 258 12.74 2.78 5.62
C ASN C 258 13.81 2.09 6.49
N ASN C 259 14.54 2.89 7.28
CA ASN C 259 15.62 2.41 8.13
C ASN C 259 15.06 2.03 9.51
N ILE C 260 15.12 0.75 9.89
CA ILE C 260 14.52 0.30 11.15
C ILE C 260 15.60 -0.18 12.11
N THR C 261 15.55 0.35 13.34
CA THR C 261 16.27 -0.17 14.48
C THR C 261 15.40 -1.22 15.17
N LEU C 262 15.86 -2.47 15.19
CA LEU C 262 15.11 -3.56 15.82
C LEU C 262 14.60 -3.18 17.21
N GLN C 263 15.41 -2.44 17.99
CA GLN C 263 15.08 -2.15 19.37
C GLN C 263 14.08 -1.01 19.53
N ASN C 264 13.90 -0.17 18.50
CA ASN C 264 12.94 0.93 18.62
C ASN C 264 11.55 0.39 18.90
N GLY C 265 11.02 0.72 20.07
CA GLY C 265 9.78 0.11 20.49
C GLY C 265 9.93 -1.23 21.16
N CYS C 266 11.15 -1.69 21.41
CA CYS C 266 11.30 -2.99 22.04
C CYS C 266 12.72 -3.18 22.56
N GLU C 267 13.05 -2.50 23.65
CA GLU C 267 14.42 -2.50 24.12
C GLU C 267 14.83 -3.84 24.72
N ILE C 268 13.89 -4.75 24.94
CA ILE C 268 14.21 -6.08 25.47
C ILE C 268 14.63 -7.08 24.40
N ASP C 269 14.46 -6.75 23.11
CA ASP C 269 15.05 -7.60 22.07
C ASP C 269 16.53 -7.24 21.99
N LEU C 270 17.38 -8.17 22.42
CA LEU C 270 18.82 -7.97 22.43
C LEU C 270 19.51 -8.78 21.34
N SER C 271 18.84 -8.96 20.20
CA SER C 271 19.44 -9.72 19.10
C SER C 271 20.79 -9.13 18.72
N ASP C 272 21.73 -10.02 18.46
CA ASP C 272 22.97 -9.62 17.81
C ASP C 272 22.92 -10.02 16.33
N HIS C 273 24.09 -9.95 15.68
CA HIS C 273 24.22 -10.13 14.25
C HIS C 273 23.70 -11.49 13.80
N LEU C 274 23.79 -12.51 14.66
CA LEU C 274 23.30 -13.85 14.32
C LEU C 274 21.91 -14.14 14.89
N SER C 275 21.64 -13.79 16.15
CA SER C 275 20.41 -14.21 16.80
C SER C 275 19.20 -13.40 16.33
N GLY C 276 19.43 -12.29 15.62
CA GLY C 276 18.30 -11.59 15.00
C GLY C 276 17.56 -12.45 13.99
N LEU C 277 18.26 -13.38 13.33
CA LEU C 277 17.63 -14.30 12.41
C LEU C 277 16.67 -15.22 13.12
N TYR C 278 16.71 -15.24 14.46
CA TYR C 278 15.85 -16.11 15.24
C TYR C 278 15.04 -15.29 16.23
N SER C 279 14.85 -13.99 15.94
CA SER C 279 13.93 -13.12 16.68
C SER C 279 12.53 -13.17 16.06
N TYR C 280 11.53 -13.47 16.88
CA TYR C 280 10.17 -13.35 16.37
C TYR C 280 9.86 -11.91 15.98
N ARG C 281 10.55 -10.95 16.60
CA ARG C 281 10.35 -9.55 16.22
C ARG C 281 10.96 -9.25 14.86
N LEU C 282 12.20 -9.69 14.61
CA LEU C 282 12.74 -9.57 13.26
C LEU C 282 11.77 -10.15 12.23
N VAL C 283 11.36 -11.41 12.45
CA VAL C 283 10.46 -12.09 11.52
C VAL C 283 9.22 -11.25 11.27
N GLY C 284 8.69 -10.67 12.35
CA GLY C 284 7.52 -9.83 12.21
C GLY C 284 7.78 -8.60 11.36
N LEU C 285 8.93 -7.93 11.58
CA LEU C 285 9.22 -6.75 10.78
C LEU C 285 9.34 -7.12 9.30
N VAL C 286 9.96 -8.27 9.01
CA VAL C 286 10.08 -8.70 7.61
C VAL C 286 8.69 -8.94 7.02
N LYS C 287 7.83 -9.64 7.77
CA LYS C 287 6.48 -9.89 7.27
C LYS C 287 5.73 -8.59 7.02
N LYS C 288 5.83 -7.64 7.96
CA LYS C 288 5.23 -6.32 7.77
C LYS C 288 5.70 -5.69 6.47
N ALA C 289 7.02 -5.66 6.25
CA ALA C 289 7.53 -5.05 5.03
C ALA C 289 6.99 -5.77 3.79
N LEU C 290 6.81 -7.09 3.87
CA LEU C 290 6.31 -7.80 2.71
C LEU C 290 4.81 -7.60 2.50
N ASP C 291 4.09 -7.14 3.52
CA ASP C 291 2.64 -6.98 3.46
C ASP C 291 2.25 -5.71 4.21
N PRO C 292 2.58 -4.53 3.65
CA PRO C 292 2.51 -3.28 4.44
C PRO C 292 1.10 -2.83 4.81
N THR C 293 0.06 -3.21 4.06
CA THR C 293 -1.31 -2.91 4.43
C THR C 293 -2.01 -4.10 5.09
N GLY C 294 -1.28 -5.16 5.42
CA GLY C 294 -1.85 -6.37 5.96
C GLY C 294 -1.96 -6.43 7.47
N ASN C 295 -1.63 -5.33 8.17
CA ASN C 295 -1.78 -5.26 9.63
C ASN C 295 -1.04 -6.40 10.32
N VAL C 296 0.24 -6.57 9.97
CA VAL C 296 1.02 -7.66 10.52
C VAL C 296 1.34 -7.40 12.00
N TYR C 297 1.20 -8.44 12.81
CA TYR C 297 1.56 -8.37 14.24
C TYR C 297 3.09 -8.45 14.37
N VAL C 298 3.70 -7.47 15.02
CA VAL C 298 5.12 -7.50 15.31
C VAL C 298 5.29 -7.70 16.81
N PRO C 299 5.72 -8.88 17.27
CA PRO C 299 5.89 -9.09 18.72
C PRO C 299 7.06 -8.30 19.28
N CYS C 300 7.02 -8.10 20.60
CA CYS C 300 8.15 -7.57 21.35
C CYS C 300 8.47 -8.54 22.49
N LEU C 301 9.52 -9.33 22.34
CA LEU C 301 9.87 -10.36 23.31
C LEU C 301 11.35 -10.30 23.63
N PRO C 302 11.76 -10.87 24.77
CA PRO C 302 13.20 -11.03 25.02
C PRO C 302 13.83 -11.87 23.93
N ASN C 303 15.04 -11.50 23.54
CA ASN C 303 15.83 -12.35 22.67
C ASN C 303 17.29 -12.06 22.94
N ALA C 304 18.09 -13.13 23.16
CA ALA C 304 19.44 -12.97 23.67
C ALA C 304 20.47 -13.02 22.56
N PRO C 305 21.64 -12.43 22.79
CA PRO C 305 22.78 -12.64 21.88
C PRO C 305 23.16 -14.11 21.86
N VAL C 306 24.02 -14.46 20.89
CA VAL C 306 24.56 -15.82 20.82
C VAL C 306 25.56 -16.07 21.93
N LEU C 307 26.43 -15.10 22.20
CA LEU C 307 27.44 -15.17 23.22
C LEU C 307 26.94 -14.54 24.50
N GLU C 308 27.70 -14.71 25.56
CA GLU C 308 27.39 -14.09 26.83
C GLU C 308 28.57 -13.36 27.44
N ASP D 17 -27.90 28.75 -1.53
CA ASP D 17 -28.93 29.79 -1.42
C ASP D 17 -29.61 30.07 -2.78
N PRO D 18 -28.85 30.50 -3.79
CA PRO D 18 -29.45 30.68 -5.12
C PRO D 18 -29.69 29.33 -5.78
N VAL D 19 -30.65 29.31 -6.71
CA VAL D 19 -30.98 28.11 -7.43
C VAL D 19 -30.58 28.32 -8.88
N GLY D 20 -29.68 27.47 -9.38
CA GLY D 20 -29.32 27.49 -10.79
C GLY D 20 -30.23 26.61 -11.63
N PRO D 21 -30.08 26.66 -12.95
CA PRO D 21 -31.02 25.96 -13.83
C PRO D 21 -30.62 24.51 -14.06
N GLU D 22 -31.59 23.73 -14.50
CA GLU D 22 -31.31 22.32 -14.80
C GLU D 22 -30.35 22.22 -15.99
N GLN D 23 -29.43 21.25 -15.94
CA GLN D 23 -28.41 21.13 -16.99
C GLN D 23 -28.41 19.72 -17.56
N ILE D 24 -27.71 19.53 -18.68
CA ILE D 24 -27.65 18.23 -19.33
C ILE D 24 -26.23 17.83 -19.70
N SER D 25 -25.25 18.60 -19.24
CA SER D 25 -23.86 18.30 -19.54
C SER D 25 -22.96 18.88 -18.47
N PHE D 26 -21.90 18.15 -18.13
CA PHE D 26 -21.14 18.50 -16.94
C PHE D 26 -20.41 19.84 -17.08
N LEU D 27 -19.77 20.09 -18.21
CA LEU D 27 -18.90 21.27 -18.25
C LEU D 27 -19.73 22.56 -18.25
N PRO D 28 -20.84 22.64 -18.97
CA PRO D 28 -21.69 23.84 -18.81
C PRO D 28 -22.12 24.08 -17.36
N ALA D 29 -22.51 23.01 -16.63
CA ALA D 29 -22.86 23.15 -15.22
C ALA D 29 -21.68 23.59 -14.39
N LYS D 30 -20.49 23.06 -14.68
CA LYS D 30 -19.32 23.52 -13.96
C LYS D 30 -19.09 25.01 -14.19
N LEU D 31 -19.14 25.43 -15.46
CA LEU D 31 -18.91 26.84 -15.77
C LEU D 31 -19.87 27.71 -14.99
N TYR D 32 -21.16 27.37 -15.06
CA TYR D 32 -22.15 28.11 -14.27
C TYR D 32 -21.75 28.16 -12.81
N SER D 33 -21.29 27.03 -12.25
CA SER D 33 -20.95 27.01 -10.84
C SER D 33 -19.73 27.87 -10.53
N SER D 34 -18.83 28.04 -11.51
CA SER D 34 -17.66 28.87 -11.27
C SER D 34 -18.02 30.34 -11.07
N LEU D 35 -19.18 30.79 -11.57
CA LEU D 35 -19.70 32.12 -11.27
C LEU D 35 -20.73 32.13 -10.15
N ALA D 36 -21.20 30.97 -9.70
CA ALA D 36 -22.23 30.87 -8.67
C ALA D 36 -21.91 29.66 -7.80
N PRO D 37 -20.76 29.70 -7.14
CA PRO D 37 -20.25 28.49 -6.44
C PRO D 37 -21.14 27.92 -5.36
N THR D 38 -22.08 28.67 -4.77
CA THR D 38 -22.96 28.10 -3.75
C THR D 38 -24.33 27.72 -4.30
N ALA D 39 -24.54 27.77 -5.62
CA ALA D 39 -25.85 27.48 -6.17
C ALA D 39 -26.32 26.07 -5.80
N LEU D 40 -27.57 25.94 -5.68
CA LEU D 40 -28.25 24.66 -5.57
C LEU D 40 -28.75 24.24 -6.94
N PRO D 41 -28.76 22.95 -7.27
CA PRO D 41 -29.48 22.51 -8.45
C PRO D 41 -30.98 22.58 -8.20
N PRO D 42 -31.79 22.57 -9.26
CA PRO D 42 -33.25 22.56 -9.07
C PRO D 42 -33.67 21.46 -8.10
N GLY D 43 -34.81 21.70 -7.45
CA GLY D 43 -35.45 20.66 -6.68
C GLY D 43 -34.77 20.27 -5.40
N THR D 44 -33.87 21.11 -4.88
CA THR D 44 -32.92 20.67 -3.87
C THR D 44 -32.83 21.62 -2.68
N ASN D 45 -32.84 21.04 -1.49
CA ASN D 45 -32.81 21.77 -0.21
C ASN D 45 -34.00 22.71 -0.08
N ASP D 46 -35.17 22.25 -0.54
CA ASP D 46 -36.46 22.78 -0.10
C ASP D 46 -36.70 22.19 1.29
N TRP D 47 -36.46 23.00 2.33
CA TRP D 47 -36.60 22.52 3.70
C TRP D 47 -38.05 22.44 4.16
N THR D 48 -39.02 22.68 3.28
CA THR D 48 -40.40 22.36 3.58
C THR D 48 -40.80 20.98 3.06
N CYS D 49 -39.92 20.28 2.34
CA CYS D 49 -40.32 19.03 1.71
C CYS D 49 -40.66 17.99 2.75
N GLN D 50 -41.67 17.17 2.46
CA GLN D 50 -42.07 16.10 3.36
C GLN D 50 -42.05 14.79 2.57
N PRO D 51 -41.31 13.78 3.02
CA PRO D 51 -41.32 12.48 2.34
C PRO D 51 -42.75 12.04 2.10
N SER D 52 -42.95 11.35 0.98
CA SER D 52 -44.25 10.86 0.57
C SER D 52 -44.39 9.40 0.95
N ALA D 53 -45.56 8.84 0.66
CA ALA D 53 -45.79 7.42 0.93
C ALA D 53 -44.92 6.54 0.05
N ALA D 54 -44.75 6.92 -1.21
CA ALA D 54 -43.96 6.08 -2.10
C ALA D 54 -42.47 6.18 -1.77
N HIS D 55 -42.02 7.32 -1.24
CA HIS D 55 -40.61 7.57 -1.01
C HIS D 55 -40.43 8.14 0.38
N PRO D 56 -40.49 7.29 1.39
CA PRO D 56 -40.34 7.76 2.78
C PRO D 56 -39.00 8.39 3.09
N ARG D 57 -37.93 8.07 2.33
CA ARG D 57 -36.61 8.50 2.75
C ARG D 57 -36.11 9.66 1.91
N PRO D 58 -35.65 10.73 2.54
CA PRO D 58 -34.96 11.78 1.80
C PRO D 58 -33.70 11.25 1.17
N VAL D 59 -33.22 11.98 0.16
CA VAL D 59 -32.03 11.61 -0.59
C VAL D 59 -30.99 12.70 -0.43
N VAL D 60 -29.80 12.32 0.02
CA VAL D 60 -28.66 13.23 0.19
C VAL D 60 -27.64 12.93 -0.90
N LEU D 61 -27.28 13.96 -1.65
CA LEU D 61 -26.33 13.85 -2.74
C LEU D 61 -25.01 14.46 -2.29
N VAL D 62 -23.91 13.77 -2.60
CA VAL D 62 -22.59 14.09 -2.07
C VAL D 62 -21.62 14.18 -3.25
N HIS D 63 -21.07 15.39 -3.47
CA HIS D 63 -20.32 15.70 -4.69
C HIS D 63 -18.91 15.12 -4.63
N GLY D 64 -18.15 15.35 -5.70
CA GLY D 64 -16.82 14.80 -5.85
C GLY D 64 -15.70 15.81 -5.65
N THR D 65 -14.48 15.34 -5.89
CA THR D 65 -13.27 16.15 -5.79
C THR D 65 -13.34 17.34 -6.77
N TRP D 66 -13.00 18.53 -6.28
CA TRP D 66 -12.93 19.74 -7.10
C TRP D 66 -14.29 20.13 -7.68
N ALA D 67 -15.37 19.62 -7.10
CA ALA D 67 -16.71 19.87 -7.62
C ALA D 67 -17.60 20.45 -6.53
N ASN D 68 -18.90 20.58 -6.81
CA ASN D 68 -19.87 21.12 -5.87
C ASN D 68 -21.20 20.38 -6.06
N ARG D 69 -22.26 20.84 -5.36
CA ARG D 69 -23.55 20.16 -5.50
C ARG D 69 -24.23 20.53 -6.81
N TYR D 70 -23.92 21.71 -7.36
CA TYR D 70 -24.56 22.10 -8.61
C TYR D 70 -23.97 21.35 -9.79
N ASP D 71 -22.65 21.44 -10.01
CA ASP D 71 -22.13 20.79 -11.20
C ASP D 71 -22.26 19.27 -11.11
N SER D 72 -22.22 18.70 -9.91
CA SER D 72 -22.41 17.25 -9.80
C SER D 72 -23.85 16.84 -10.09
N PHE D 73 -24.84 17.64 -9.65
CA PHE D 73 -26.20 17.12 -9.60
C PHE D 73 -27.22 17.98 -10.33
N ALA D 74 -26.79 18.81 -11.29
CA ALA D 74 -27.75 19.64 -12.02
C ALA D 74 -28.63 18.82 -12.97
N MET D 75 -28.32 17.53 -13.20
CA MET D 75 -29.28 16.65 -13.85
C MET D 75 -29.88 15.65 -12.88
N ILE D 76 -29.05 14.94 -12.11
CA ILE D 76 -29.58 13.94 -11.19
C ILE D 76 -30.64 14.54 -10.27
N ALA D 77 -30.37 15.71 -9.69
CA ALA D 77 -31.27 16.21 -8.65
C ALA D 77 -32.66 16.51 -9.21
N PRO D 78 -32.81 17.31 -10.27
CA PRO D 78 -34.14 17.49 -10.88
C PRO D 78 -34.85 16.19 -11.25
N HIS D 79 -34.10 15.19 -11.75
CA HIS D 79 -34.75 13.92 -12.07
C HIS D 79 -35.30 13.24 -10.83
N LEU D 80 -34.52 13.20 -9.74
CA LEU D 80 -35.04 12.59 -8.52
C LEU D 80 -36.22 13.40 -7.96
N LYS D 81 -36.22 14.72 -8.15
CA LYS D 81 -37.35 15.52 -7.70
C LYS D 81 -38.60 15.15 -8.49
N ARG D 82 -38.51 15.14 -9.82
CA ARG D 82 -39.66 14.75 -10.60
C ARG D 82 -40.15 13.35 -10.25
N ALA D 83 -39.29 12.51 -9.68
CA ALA D 83 -39.70 11.15 -9.31
C ALA D 83 -40.38 11.08 -7.95
N GLY D 84 -40.48 12.21 -7.24
CA GLY D 84 -41.18 12.27 -5.98
C GLY D 84 -40.35 12.18 -4.72
N TYR D 85 -39.04 12.37 -4.80
CA TYR D 85 -38.18 12.34 -3.64
C TYR D 85 -37.94 13.74 -3.09
N CYS D 86 -37.71 13.82 -1.79
CA CYS D 86 -37.14 15.04 -1.22
C CYS D 86 -35.62 14.95 -1.38
N VAL D 87 -35.00 15.96 -1.99
CA VAL D 87 -33.59 15.90 -2.37
C VAL D 87 -32.80 16.99 -1.65
N TYR D 88 -31.60 16.64 -1.19
CA TYR D 88 -30.75 17.52 -0.41
C TYR D 88 -29.29 17.34 -0.83
N ALA D 89 -28.56 18.45 -0.86
CA ALA D 89 -27.13 18.38 -1.21
C ALA D 89 -26.35 19.41 -0.42
N LEU D 90 -25.23 18.97 0.17
CA LEU D 90 -24.31 19.85 0.87
C LEU D 90 -23.08 20.11 0.02
N ASN D 91 -22.32 21.14 0.41
CA ASN D 91 -20.96 21.35 -0.08
C ASN D 91 -20.00 21.09 1.07
N TYR D 92 -18.90 20.40 0.78
CA TYR D 92 -18.06 19.88 1.86
C TYR D 92 -16.59 19.92 1.44
N GLY D 93 -15.72 19.65 2.41
CA GLY D 93 -14.28 19.59 2.18
C GLY D 93 -13.69 20.88 1.68
N ASP D 94 -14.31 22.01 1.99
CA ASP D 94 -13.86 23.30 1.49
C ASP D 94 -12.65 23.82 2.26
N GLU D 95 -11.61 24.24 1.53
CA GLU D 95 -10.43 24.84 2.13
C GLU D 95 -9.79 25.77 1.11
N ASN D 96 -8.91 26.65 1.60
CA ASN D 96 -8.39 27.78 0.85
C ASN D 96 -6.87 27.79 0.80
N VAL D 97 -6.19 26.76 1.30
CA VAL D 97 -4.74 26.70 1.30
C VAL D 97 -4.20 26.19 -0.04
N SER D 98 -4.75 25.09 -0.55
CA SER D 98 -4.28 24.55 -1.82
C SER D 98 -4.60 25.54 -2.95
N VAL D 99 -3.83 25.43 -4.04
CA VAL D 99 -4.06 26.31 -5.20
C VAL D 99 -5.45 26.06 -5.76
N LEU D 100 -5.70 24.83 -6.21
CA LEU D 100 -7.03 24.48 -6.74
C LEU D 100 -8.14 24.79 -5.74
N GLY D 101 -7.86 24.68 -4.44
CA GLY D 101 -8.88 25.01 -3.45
C GLY D 101 -9.32 26.45 -3.51
N GLN D 102 -8.47 27.32 -4.03
CA GLN D 102 -8.76 28.73 -4.16
C GLN D 102 -9.64 29.05 -5.37
N LEU D 103 -9.91 28.08 -6.23
CA LEU D 103 -10.74 28.36 -7.39
C LEU D 103 -12.21 28.25 -6.99
N PRO D 104 -13.08 29.03 -7.63
CA PRO D 104 -14.49 29.06 -7.19
C PRO D 104 -15.21 27.78 -7.57
N GLY D 105 -15.93 27.19 -6.59
CA GLY D 105 -16.71 26.00 -6.81
C GLY D 105 -15.96 24.69 -6.75
N LEU D 106 -14.62 24.70 -6.64
CA LEU D 106 -13.86 23.48 -6.43
C LEU D 106 -13.84 23.23 -4.94
N TYR D 107 -14.61 22.25 -4.46
CA TYR D 107 -14.68 21.90 -3.05
C TYR D 107 -14.14 20.49 -2.87
N ALA D 108 -14.29 19.93 -1.66
CA ALA D 108 -13.86 18.56 -1.39
C ALA D 108 -12.38 18.38 -1.76
N THR D 109 -11.58 19.39 -1.48
CA THR D 109 -10.13 19.27 -1.57
C THR D 109 -9.50 18.97 -0.21
N GLN D 110 -10.19 19.30 0.87
CA GLN D 110 -9.67 19.00 2.20
C GLN D 110 -9.46 17.51 2.36
N THR D 111 -8.53 17.13 3.26
CA THR D 111 -8.34 15.72 3.59
C THR D 111 -9.70 15.10 3.93
N ILE D 112 -9.86 13.81 3.63
CA ILE D 112 -11.22 13.30 3.38
C ILE D 112 -11.93 12.88 4.66
N LYS D 113 -11.25 12.16 5.55
CA LYS D 113 -11.92 11.60 6.74
C LYS D 113 -12.87 12.58 7.43
N PRO D 114 -12.48 13.81 7.77
CA PRO D 114 -13.44 14.72 8.43
C PRO D 114 -14.66 15.08 7.56
N ALA D 115 -14.67 14.75 6.27
CA ALA D 115 -15.89 14.93 5.49
C ALA D 115 -17.06 14.23 6.17
N GLY D 116 -16.80 13.06 6.77
CA GLY D 116 -17.86 12.34 7.46
C GLY D 116 -18.54 13.17 8.53
N GLY D 117 -17.79 14.04 9.21
CA GLY D 117 -18.41 14.92 10.18
C GLY D 117 -19.37 15.89 9.53
N GLU D 118 -18.93 16.56 8.47
CA GLU D 118 -19.81 17.51 7.78
C GLU D 118 -21.09 16.81 7.33
N ILE D 119 -20.94 15.67 6.63
CA ILE D 119 -22.12 14.91 6.19
C ILE D 119 -23.03 14.62 7.38
N SER D 120 -22.46 14.24 8.52
CA SER D 120 -23.30 13.92 9.69
C SER D 120 -24.16 15.12 10.08
N SER D 121 -23.55 16.30 10.24
CA SER D 121 -24.34 17.48 10.56
C SER D 121 -25.49 17.63 9.57
N PHE D 122 -25.16 17.55 8.27
CA PHE D 122 -26.16 17.76 7.23
C PHE D 122 -27.26 16.74 7.35
N VAL D 123 -26.87 15.48 7.55
CA VAL D 123 -27.87 14.42 7.58
C VAL D 123 -28.79 14.66 8.76
N ASP D 124 -28.21 15.11 9.89
CA ASP D 124 -29.05 15.41 11.05
C ASP D 124 -30.08 16.47 10.69
N GLN D 125 -29.63 17.55 10.04
CA GLN D 125 -30.60 18.57 9.60
C GLN D 125 -31.72 17.94 8.78
N VAL D 126 -31.35 17.09 7.81
CA VAL D 126 -32.33 16.52 6.90
C VAL D 126 -33.32 15.66 7.69
N LEU D 127 -32.80 14.77 8.55
CA LEU D 127 -33.72 13.95 9.31
C LEU D 127 -34.60 14.88 10.15
N ASP D 128 -33.99 15.90 10.71
CA ASP D 128 -34.72 16.71 11.65
C ASP D 128 -35.84 17.42 10.91
N SER D 129 -35.58 17.79 9.66
CA SER D 129 -36.50 18.63 8.92
C SER D 129 -37.62 17.83 8.32
N THR D 130 -37.45 16.51 8.18
CA THR D 130 -38.41 15.71 7.45
C THR D 130 -39.13 14.72 8.35
N GLY D 131 -38.69 14.60 9.59
CA GLY D 131 -39.24 13.59 10.47
C GLY D 131 -39.02 12.16 10.04
N ALA D 132 -38.09 11.91 9.11
CA ALA D 132 -37.87 10.52 8.71
C ALA D 132 -36.83 9.87 9.61
N ASP D 133 -36.86 8.54 9.65
CA ASP D 133 -35.88 7.82 10.47
C ASP D 133 -34.55 7.67 9.77
N GLN D 134 -34.55 7.56 8.44
CA GLN D 134 -33.32 7.30 7.70
C GLN D 134 -33.31 8.13 6.43
N VAL D 135 -32.11 8.28 5.89
CA VAL D 135 -31.92 8.84 4.56
C VAL D 135 -31.31 7.77 3.65
N ASP D 136 -31.43 8.01 2.36
CA ASP D 136 -30.63 7.36 1.34
C ASP D 136 -29.60 8.37 0.85
N MET D 137 -28.46 7.86 0.36
CA MET D 137 -27.31 8.70 0.06
C MET D 137 -26.73 8.30 -1.28
N PHE D 138 -26.46 9.26 -2.15
CA PHE D 138 -25.73 9.01 -3.39
C PHE D 138 -24.44 9.83 -3.40
N GLY D 139 -23.33 9.18 -3.71
CA GLY D 139 -22.03 9.82 -3.74
C GLY D 139 -21.31 9.67 -5.06
N TRP D 140 -20.75 10.77 -5.57
CA TRP D 140 -19.98 10.74 -6.79
C TRP D 140 -18.49 10.78 -6.44
N SER D 141 -17.74 9.76 -6.86
CA SER D 141 -16.28 9.79 -6.76
C SER D 141 -15.89 9.99 -5.29
N GLN D 142 -15.25 11.10 -4.93
CA GLN D 142 -14.85 11.24 -3.54
C GLN D 142 -16.07 11.16 -2.64
N GLY D 143 -17.17 11.78 -3.06
CA GLY D 143 -18.45 11.66 -2.39
C GLY D 143 -18.68 10.27 -1.80
N GLY D 144 -18.48 9.23 -2.62
CA GLY D 144 -18.71 7.88 -2.15
C GLY D 144 -17.88 7.53 -0.93
N ILE D 145 -16.56 7.72 -1.01
CA ILE D 145 -15.74 7.42 0.15
C ILE D 145 -15.96 8.44 1.27
N ALA D 146 -16.34 9.68 0.92
CA ALA D 146 -16.71 10.59 2.00
C ALA D 146 -17.91 10.03 2.73
N ALA D 147 -18.89 9.51 1.98
CA ALA D 147 -20.06 8.95 2.61
C ALA D 147 -19.66 7.78 3.49
N ARG D 148 -18.68 6.98 3.03
CA ARG D 148 -18.33 5.81 3.83
C ARG D 148 -17.62 6.23 5.12
N SER D 149 -16.89 7.35 5.09
CA SER D 149 -16.35 7.87 6.33
C SER D 149 -17.49 8.13 7.32
N TYR D 150 -18.53 8.83 6.87
CA TYR D 150 -19.69 9.04 7.71
C TYR D 150 -20.21 7.72 8.25
N LEU D 151 -20.30 6.71 7.37
CA LEU D 151 -20.81 5.40 7.76
C LEU D 151 -19.98 4.79 8.88
N LYS D 152 -18.67 4.87 8.75
CA LYS D 152 -17.74 4.13 9.59
C LYS D 152 -17.37 4.89 10.86
N PHE D 153 -17.21 6.23 10.78
CA PHE D 153 -16.62 6.97 11.88
C PHE D 153 -17.54 7.98 12.53
N TYR D 154 -18.56 8.46 11.84
CA TYR D 154 -19.29 9.63 12.30
C TYR D 154 -20.77 9.36 12.53
N GLY D 155 -21.17 8.11 12.74
CA GLY D 155 -22.54 7.81 13.15
C GLY D 155 -23.53 7.55 12.03
N GLY D 156 -23.08 7.45 10.78
CA GLY D 156 -24.01 7.05 9.74
C GLY D 156 -24.61 5.68 9.99
N THR D 157 -23.90 4.85 10.75
CA THR D 157 -24.17 3.46 11.06
C THR D 157 -24.23 3.31 12.58
N ASN D 158 -24.82 2.20 13.05
CA ASN D 158 -24.98 1.92 14.49
C ASN D 158 -24.55 0.47 14.73
N ALA D 159 -23.29 0.25 15.15
CA ALA D 159 -22.78 -1.12 15.16
C ALA D 159 -23.61 -2.03 16.06
N ALA D 160 -24.11 -1.50 17.18
CA ALA D 160 -24.79 -2.34 18.16
C ALA D 160 -26.23 -2.65 17.76
N ASN D 161 -26.82 -1.84 16.88
CA ASN D 161 -28.22 -2.01 16.46
C ASN D 161 -28.36 -1.60 15.00
N PRO D 162 -27.87 -2.43 14.09
CA PRO D 162 -27.91 -2.05 12.66
C PRO D 162 -29.23 -1.48 12.20
N ALA D 163 -30.37 -1.96 12.72
CA ALA D 163 -31.65 -1.46 12.22
C ALA D 163 -31.81 0.04 12.46
N ALA D 164 -31.00 0.62 13.32
CA ALA D 164 -31.07 2.03 13.66
C ALA D 164 -30.15 2.92 12.81
N ASN D 165 -29.45 2.34 11.82
CA ASN D 165 -28.58 3.13 10.95
C ASN D 165 -29.32 4.35 10.43
N LYS D 166 -28.64 5.49 10.38
CA LYS D 166 -29.27 6.66 9.79
C LYS D 166 -29.28 6.61 8.27
N VAL D 167 -28.33 5.93 7.65
CA VAL D 167 -28.32 5.73 6.21
C VAL D 167 -28.83 4.33 5.89
N LYS D 168 -29.82 4.25 4.99
CA LYS D 168 -30.28 2.93 4.57
C LYS D 168 -29.58 2.44 3.30
N ASN D 169 -29.55 3.26 2.25
CA ASN D 169 -28.86 2.94 1.00
C ASN D 169 -27.72 3.92 0.74
N LEU D 170 -26.54 3.38 0.42
CA LEU D 170 -25.45 4.12 -0.17
C LEU D 170 -25.35 3.71 -1.63
N ILE D 171 -25.53 4.66 -2.54
CA ILE D 171 -25.35 4.45 -3.97
C ILE D 171 -24.17 5.31 -4.39
N THR D 172 -23.30 4.78 -5.25
CA THR D 172 -22.12 5.54 -5.64
C THR D 172 -21.81 5.35 -7.12
N PHE D 173 -21.22 6.39 -7.72
CA PHE D 173 -20.73 6.30 -9.08
C PHE D 173 -19.26 6.72 -9.13
N GLY D 174 -18.43 5.88 -9.73
CA GLY D 174 -17.03 6.24 -9.88
C GLY D 174 -16.28 6.36 -8.58
N ALA D 175 -16.83 5.83 -7.49
CA ALA D 175 -16.21 6.06 -6.20
C ALA D 175 -14.85 5.39 -6.14
N THR D 176 -13.89 6.11 -5.59
CA THR D 176 -12.51 5.61 -5.45
C THR D 176 -12.38 4.75 -4.20
N ASN D 177 -13.24 3.73 -4.15
CA ASN D 177 -13.45 2.94 -2.95
C ASN D 177 -12.16 2.26 -2.48
N HIS D 178 -11.25 1.91 -3.40
CA HIS D 178 -9.94 1.36 -3.04
C HIS D 178 -8.82 2.12 -3.76
N GLY D 179 -8.94 3.46 -3.80
CA GLY D 179 -7.94 4.28 -4.47
C GLY D 179 -7.85 4.01 -5.95
N THR D 180 -7.09 4.84 -6.67
CA THR D 180 -7.01 4.79 -8.12
C THR D 180 -5.58 4.80 -8.60
N THR D 181 -5.31 4.01 -9.64
CA THR D 181 -4.04 4.03 -10.38
C THR D 181 -4.00 5.14 -11.43
N LEU D 182 -5.04 5.96 -11.54
CA LEU D 182 -5.02 7.12 -12.43
C LEU D 182 -4.62 6.75 -13.85
N SER D 183 -5.18 5.65 -14.35
CA SER D 183 -4.65 5.08 -15.60
C SER D 183 -4.71 6.10 -16.75
N GLY D 184 -5.69 7.00 -16.72
CA GLY D 184 -5.83 8.03 -17.74
C GLY D 184 -4.68 9.02 -17.84
N LEU D 185 -3.87 9.17 -16.80
CA LEU D 185 -2.68 10.03 -16.90
C LEU D 185 -1.50 9.30 -17.52
N GLY D 186 -1.70 8.04 -17.92
CA GLY D 186 -0.63 7.24 -18.48
C GLY D 186 0.60 7.20 -17.61
N ALA D 187 1.76 7.27 -18.26
CA ALA D 187 3.04 7.25 -17.56
C ALA D 187 3.12 8.26 -16.43
N LEU D 188 2.25 9.28 -16.42
CA LEU D 188 2.40 10.32 -15.42
C LEU D 188 1.82 9.93 -14.06
N ALA D 189 0.95 8.91 -14.01
CA ALA D 189 0.35 8.52 -12.74
C ALA D 189 1.42 8.17 -11.69
N GLY D 190 2.48 7.48 -12.12
CA GLY D 190 3.55 7.13 -11.20
C GLY D 190 4.47 8.27 -10.83
N GLN D 191 4.50 9.35 -11.62
CA GLN D 191 5.34 10.49 -11.27
C GLN D 191 4.73 11.35 -10.17
N LEU D 192 3.48 11.12 -9.82
CA LEU D 192 2.82 11.91 -8.79
C LEU D 192 3.39 11.54 -7.41
N ALA D 193 4.09 12.49 -6.77
CA ALA D 193 4.60 12.29 -5.41
C ALA D 193 3.54 12.67 -4.38
N PRO D 194 3.06 11.73 -3.55
CA PRO D 194 1.96 12.06 -2.62
C PRO D 194 2.25 13.25 -1.72
N ALA D 195 3.51 13.67 -1.67
CA ALA D 195 3.94 14.71 -0.74
C ALA D 195 3.91 16.10 -1.34
N THR D 196 4.01 16.23 -2.65
CA THR D 196 4.07 17.53 -3.28
C THR D 196 2.74 17.99 -3.86
N ILE D 197 1.75 17.10 -3.97
CA ILE D 197 0.49 17.47 -4.61
C ILE D 197 -0.45 18.22 -3.66
N PRO D 198 -0.46 17.97 -2.35
CA PRO D 198 -1.44 18.64 -1.48
C PRO D 198 -1.44 20.15 -1.68
N PRO D 199 -0.27 20.80 -1.64
CA PRO D 199 -0.26 22.28 -1.78
C PRO D 199 -0.86 22.78 -3.08
N VAL D 200 -0.81 21.99 -4.15
CA VAL D 200 -1.37 22.37 -5.45
C VAL D 200 -2.77 21.80 -5.62
N LEU D 201 -2.89 20.46 -5.54
CA LEU D 201 -4.12 19.74 -5.81
C LEU D 201 -5.07 19.70 -4.61
N GLY D 202 -4.55 19.78 -3.38
CA GLY D 202 -5.33 19.60 -2.18
C GLY D 202 -5.10 18.22 -1.59
N PRO D 203 -5.22 18.09 -0.27
CA PRO D 203 -4.95 16.79 0.36
C PRO D 203 -5.85 15.67 -0.14
N ALA D 204 -7.04 15.96 -0.66
CA ALA D 204 -7.95 14.86 -1.02
C ALA D 204 -7.41 14.07 -2.20
N ALA D 205 -6.82 14.78 -3.16
CA ALA D 205 -6.13 14.12 -4.26
C ALA D 205 -5.22 13.04 -3.70
N ALA D 206 -4.38 13.40 -2.71
CA ALA D 206 -3.46 12.41 -2.16
C ALA D 206 -4.19 11.30 -1.41
N ASP D 207 -5.28 11.62 -0.72
CA ASP D 207 -6.05 10.63 0.03
C ASP D 207 -6.68 9.56 -0.86
N GLN D 208 -6.81 9.81 -2.16
CA GLN D 208 -7.45 8.82 -3.03
C GLN D 208 -6.46 7.95 -3.81
N LEU D 209 -5.16 8.13 -3.60
CA LEU D 209 -4.20 7.25 -4.27
C LEU D 209 -4.21 5.87 -3.61
N ILE D 210 -3.64 4.89 -4.33
CA ILE D 210 -3.63 3.52 -3.84
C ILE D 210 -2.88 3.42 -2.52
N ASP D 211 -3.49 2.75 -1.54
CA ASP D 211 -2.85 2.52 -0.24
C ASP D 211 -2.51 3.81 0.48
N SER D 212 -3.25 4.89 0.20
CA SER D 212 -3.10 6.06 1.03
C SER D 212 -3.39 5.69 2.48
N PRO D 213 -2.91 6.49 3.42
CA PRO D 213 -3.24 6.21 4.83
C PRO D 213 -4.74 6.19 5.04
N PHE D 214 -5.43 7.18 4.50
CA PHE D 214 -6.88 7.27 4.71
C PHE D 214 -7.60 6.06 4.15
N LEU D 215 -7.17 5.54 3.00
CA LEU D 215 -7.91 4.43 2.43
C LEU D 215 -7.61 3.13 3.16
N THR D 216 -6.36 2.95 3.60
CA THR D 216 -6.06 1.79 4.43
C THR D 216 -6.89 1.81 5.72
N GLU D 217 -7.07 2.99 6.31
CA GLU D 217 -7.87 3.11 7.53
C GLU D 217 -9.35 2.91 7.23
N LEU D 218 -9.85 3.50 6.14
CA LEU D 218 -11.26 3.38 5.78
C LEU D 218 -11.65 1.94 5.47
N ASN D 219 -10.74 1.19 4.85
CA ASN D 219 -11.03 -0.17 4.41
C ASN D 219 -10.61 -1.24 5.42
N ALA D 220 -9.79 -0.87 6.41
CA ALA D 220 -9.37 -1.80 7.46
C ALA D 220 -10.56 -2.52 8.08
N GLY D 221 -10.56 -3.84 8.01
CA GLY D 221 -11.61 -4.64 8.61
C GLY D 221 -12.78 -4.93 7.71
N GLY D 222 -12.91 -4.24 6.58
CA GLY D 222 -13.91 -4.61 5.59
C GLY D 222 -14.47 -3.43 4.83
N ASP D 223 -15.20 -3.75 3.75
CA ASP D 223 -15.79 -2.72 2.91
C ASP D 223 -17.10 -2.17 3.47
N THR D 224 -17.82 -2.92 4.29
CA THR D 224 -19.19 -2.58 4.58
C THR D 224 -19.41 -2.42 6.09
N GLN D 225 -20.54 -1.78 6.43
CA GLN D 225 -21.08 -1.81 7.79
C GLN D 225 -22.42 -2.53 7.76
N PRO D 226 -22.77 -3.29 8.79
CA PRO D 226 -24.01 -4.07 8.73
C PRO D 226 -25.22 -3.18 8.57
N GLY D 227 -26.23 -3.71 7.88
CA GLY D 227 -27.47 -3.02 7.69
C GLY D 227 -27.56 -2.19 6.42
N VAL D 228 -26.45 -1.66 5.94
CA VAL D 228 -26.49 -0.76 4.79
C VAL D 228 -26.65 -1.58 3.51
N THR D 229 -27.40 -1.02 2.55
CA THR D 229 -27.58 -1.63 1.23
C THR D 229 -26.79 -0.80 0.22
N TYR D 230 -25.69 -1.36 -0.30
CA TYR D 230 -24.78 -0.64 -1.18
C TYR D 230 -25.09 -0.98 -2.63
N THR D 231 -25.14 0.06 -3.48
CA THR D 231 -25.25 -0.07 -4.93
C THR D 231 -24.07 0.67 -5.53
N ILE D 232 -23.07 -0.05 -6.00
CA ILE D 232 -21.80 0.55 -6.40
C ILE D 232 -21.70 0.47 -7.92
N ILE D 233 -21.79 1.62 -8.58
CA ILE D 233 -21.83 1.72 -10.04
C ILE D 233 -20.48 2.20 -10.55
N GLY D 234 -19.93 1.48 -11.53
CA GLY D 234 -18.77 1.94 -12.25
C GLY D 234 -18.99 1.90 -13.75
N SER D 235 -18.23 2.74 -14.45
CA SER D 235 -18.18 2.80 -15.90
C SER D 235 -16.87 2.22 -16.41
N ARG D 236 -16.97 1.38 -17.45
CA ARG D 236 -15.76 0.80 -18.03
C ARG D 236 -14.81 1.89 -18.44
N TYR D 237 -15.35 2.92 -19.08
CA TYR D 237 -14.58 4.01 -19.65
C TYR D 237 -14.27 5.09 -18.64
N ASP D 238 -14.46 4.82 -17.35
CA ASP D 238 -13.96 5.73 -16.33
C ASP D 238 -12.44 5.65 -16.32
N GLU D 239 -11.76 6.78 -16.48
CA GLU D 239 -10.30 6.75 -16.46
C GLU D 239 -9.73 7.65 -15.39
N VAL D 240 -10.55 8.03 -14.42
CA VAL D 240 -10.11 8.75 -13.24
C VAL D 240 -9.96 7.82 -12.05
N SER D 241 -10.92 6.92 -11.88
CA SER D 241 -11.00 5.98 -10.77
C SER D 241 -10.73 4.59 -11.34
N THR D 242 -9.47 4.16 -11.31
CA THR D 242 -9.05 3.02 -12.12
C THR D 242 -8.17 2.06 -11.35
N PRO D 243 -8.11 0.79 -11.79
CA PRO D 243 -9.04 0.21 -12.76
C PRO D 243 -10.48 0.39 -12.28
N TYR D 244 -11.45 0.46 -13.20
CA TYR D 244 -12.79 0.86 -12.78
C TYR D 244 -13.39 -0.15 -11.81
N GLN D 245 -13.05 -1.44 -11.96
CA GLN D 245 -13.58 -2.47 -11.06
C GLN D 245 -13.15 -2.28 -9.62
N ARG D 246 -12.10 -1.51 -9.36
CA ARG D 246 -11.74 -1.28 -7.95
C ARG D 246 -12.82 -0.49 -7.22
N THR D 247 -13.77 0.14 -7.93
CA THR D 247 -14.86 0.80 -7.20
C THR D 247 -15.74 -0.21 -6.49
N PHE D 248 -15.85 -1.42 -7.01
CA PHE D 248 -16.74 -2.44 -6.48
C PHE D 248 -16.39 -2.85 -5.04
N LEU D 249 -17.42 -3.17 -4.27
CA LEU D 249 -17.29 -3.53 -2.87
C LEU D 249 -17.54 -5.01 -2.64
N THR D 250 -16.99 -5.52 -1.54
CA THR D 250 -17.24 -6.90 -1.09
C THR D 250 -18.09 -6.87 0.18
N ALA D 251 -19.27 -7.50 0.11
CA ALA D 251 -20.22 -7.45 1.21
C ALA D 251 -19.68 -8.18 2.44
N GLY D 252 -19.75 -7.53 3.59
CA GLY D 252 -19.47 -8.18 4.85
C GLY D 252 -20.77 -8.56 5.54
N PRO D 253 -20.64 -9.13 6.74
CA PRO D 253 -21.82 -9.63 7.44
C PRO D 253 -22.88 -8.56 7.55
N GLY D 254 -24.14 -8.96 7.38
CA GLY D 254 -25.26 -8.06 7.52
C GLY D 254 -25.32 -6.93 6.52
N ALA D 255 -24.57 -7.00 5.43
CA ALA D 255 -24.66 -5.98 4.39
C ALA D 255 -24.95 -6.61 3.04
N THR D 256 -25.43 -5.77 2.15
CA THR D 256 -25.73 -6.11 0.78
C THR D 256 -24.89 -5.26 -0.15
N VAL D 257 -24.38 -5.86 -1.20
CA VAL D 257 -23.66 -5.11 -2.23
C VAL D 257 -24.21 -5.53 -3.57
N ASN D 258 -24.62 -4.55 -4.36
CA ASN D 258 -24.92 -4.74 -5.78
C ASN D 258 -23.93 -3.86 -6.54
N ASN D 259 -22.93 -4.49 -7.20
CA ASN D 259 -22.01 -3.75 -8.06
C ASN D 259 -22.55 -3.79 -9.48
N ILE D 260 -22.62 -2.63 -10.11
CA ILE D 260 -23.20 -2.49 -11.44
C ILE D 260 -22.15 -1.86 -12.32
N THR D 261 -21.82 -2.54 -13.43
CA THR D 261 -21.12 -1.92 -14.54
C THR D 261 -22.14 -1.20 -15.41
N LEU D 262 -22.02 0.13 -15.49
CA LEU D 262 -22.99 0.94 -16.22
C LEU D 262 -23.27 0.43 -17.63
N GLN D 263 -22.35 -0.32 -18.23
CA GLN D 263 -22.48 -0.73 -19.62
C GLN D 263 -23.12 -2.11 -19.80
N ASN D 264 -23.10 -2.99 -18.79
CA ASN D 264 -23.76 -4.28 -18.89
C ASN D 264 -25.20 -4.09 -19.33
N GLY D 265 -25.56 -4.56 -20.52
CA GLY D 265 -26.89 -4.35 -21.03
C GLY D 265 -27.08 -3.08 -21.84
N CYS D 266 -26.03 -2.28 -22.03
CA CYS D 266 -26.16 -1.04 -22.76
C CYS D 266 -24.78 -0.54 -23.20
N GLU D 267 -24.15 -1.26 -24.12
CA GLU D 267 -22.78 -0.94 -24.48
C GLU D 267 -22.65 0.43 -25.11
N ILE D 268 -23.75 0.98 -25.65
CA ILE D 268 -23.72 2.28 -26.32
C ILE D 268 -23.70 3.45 -25.35
N ASP D 269 -23.75 3.19 -24.04
CA ASP D 269 -23.57 4.23 -23.03
C ASP D 269 -22.09 4.34 -22.74
N LEU D 270 -21.45 5.40 -23.23
CA LEU D 270 -20.00 5.56 -23.09
C LEU D 270 -19.66 6.62 -22.05
N SER D 271 -20.42 6.66 -20.95
CA SER D 271 -20.17 7.63 -19.88
C SER D 271 -18.76 7.51 -19.35
N ASP D 272 -18.14 8.63 -19.05
CA ASP D 272 -16.86 8.58 -18.38
C ASP D 272 -17.03 9.04 -16.93
N HIS D 273 -15.91 9.31 -16.25
CA HIS D 273 -15.98 9.71 -14.86
C HIS D 273 -16.90 10.90 -14.63
N LEU D 274 -17.05 11.78 -15.64
CA LEU D 274 -17.84 12.99 -15.51
C LEU D 274 -19.20 12.87 -16.19
N SER D 275 -19.22 12.40 -17.44
CA SER D 275 -20.45 12.35 -18.21
C SER D 275 -21.45 11.34 -17.66
N GLY D 276 -21.01 10.35 -16.87
CA GLY D 276 -21.96 9.47 -16.22
C GLY D 276 -23.00 10.21 -15.38
N LEU D 277 -22.65 11.39 -14.87
CA LEU D 277 -23.58 12.15 -14.05
C LEU D 277 -24.73 12.70 -14.88
N TYR D 278 -24.56 12.75 -16.21
CA TYR D 278 -25.56 13.29 -17.13
C TYR D 278 -26.04 12.21 -18.10
N SER D 279 -25.96 10.96 -17.65
CA SER D 279 -26.42 9.79 -18.39
C SER D 279 -27.79 9.38 -17.89
N TYR D 280 -28.78 9.37 -18.80
CA TYR D 280 -30.11 8.92 -18.43
C TYR D 280 -30.10 7.49 -17.87
N ARG D 281 -29.13 6.67 -18.31
CA ARG D 281 -29.05 5.31 -17.77
C ARG D 281 -28.65 5.30 -16.30
N LEU D 282 -27.67 6.13 -15.92
CA LEU D 282 -27.25 6.20 -14.53
C LEU D 282 -28.37 6.69 -13.63
N VAL D 283 -29.06 7.75 -14.07
CA VAL D 283 -30.21 8.24 -13.32
C VAL D 283 -31.20 7.10 -13.13
N GLY D 284 -31.46 6.35 -14.19
CA GLY D 284 -32.31 5.19 -14.06
C GLY D 284 -31.81 4.22 -13.00
N LEU D 285 -30.54 3.85 -13.09
CA LEU D 285 -29.99 2.91 -12.12
C LEU D 285 -30.19 3.43 -10.69
N VAL D 286 -29.92 4.72 -10.47
CA VAL D 286 -30.10 5.32 -9.15
C VAL D 286 -31.56 5.23 -8.70
N LYS D 287 -32.51 5.61 -9.58
CA LYS D 287 -33.94 5.55 -9.24
C LYS D 287 -34.38 4.12 -8.92
N LYS D 288 -33.85 3.16 -9.68
CA LYS D 288 -34.10 1.75 -9.40
C LYS D 288 -33.62 1.36 -8.02
N ALA D 289 -32.39 1.74 -7.69
CA ALA D 289 -31.88 1.37 -6.37
C ALA D 289 -32.68 2.06 -5.26
N LEU D 290 -33.24 3.24 -5.54
CA LEU D 290 -34.00 3.99 -4.54
C LEU D 290 -35.40 3.45 -4.35
N ASP D 291 -35.91 2.73 -5.34
CA ASP D 291 -37.30 2.27 -5.36
C ASP D 291 -37.32 0.88 -5.97
N PRO D 292 -36.76 -0.09 -5.27
CA PRO D 292 -36.55 -1.43 -5.85
C PRO D 292 -37.84 -2.13 -6.29
N THR D 293 -38.99 -1.85 -5.66
CA THR D 293 -40.27 -2.47 -5.97
C THR D 293 -41.13 -1.63 -6.93
N GLY D 294 -40.49 -0.79 -7.75
CA GLY D 294 -41.27 0.23 -8.44
C GLY D 294 -41.31 0.20 -9.95
N ASN D 295 -40.81 -0.85 -10.58
CA ASN D 295 -40.76 -0.93 -12.05
C ASN D 295 -40.18 0.35 -12.66
N VAL D 296 -38.94 0.63 -12.30
CA VAL D 296 -38.30 1.85 -12.77
C VAL D 296 -37.78 1.66 -14.18
N TYR D 297 -37.92 2.70 -15.00
CA TYR D 297 -37.44 2.70 -16.38
C TYR D 297 -35.94 2.99 -16.37
N VAL D 298 -35.13 1.95 -16.61
CA VAL D 298 -33.70 2.13 -16.84
C VAL D 298 -33.43 2.21 -18.33
N PRO D 299 -33.31 3.39 -18.89
CA PRO D 299 -33.08 3.51 -20.33
C PRO D 299 -31.73 2.92 -20.74
N CYS D 300 -31.60 2.71 -22.03
CA CYS D 300 -30.33 2.44 -22.69
C CYS D 300 -30.28 3.41 -23.86
N LEU D 301 -29.61 4.54 -23.66
CA LEU D 301 -29.43 5.58 -24.65
C LEU D 301 -27.96 5.82 -24.85
N PRO D 302 -27.56 6.38 -25.99
CA PRO D 302 -26.16 6.77 -26.16
C PRO D 302 -25.81 7.89 -25.18
N ASN D 303 -24.54 7.90 -24.77
CA ASN D 303 -24.01 9.01 -24.00
C ASN D 303 -22.52 9.04 -24.28
N ALA D 304 -21.99 10.22 -24.41
CA ALA D 304 -20.61 10.35 -24.86
C ALA D 304 -19.69 10.69 -23.71
N PRO D 305 -18.38 10.49 -23.90
CA PRO D 305 -17.42 10.99 -22.92
C PRO D 305 -17.36 12.50 -23.00
N VAL D 306 -16.64 13.09 -22.04
CA VAL D 306 -16.43 14.53 -22.09
C VAL D 306 -15.47 14.87 -23.22
N LEU D 307 -14.37 14.13 -23.33
CA LEU D 307 -13.36 14.32 -24.36
C LEU D 307 -13.65 13.45 -25.57
N GLU D 308 -13.16 13.90 -26.71
CA GLU D 308 -13.22 13.15 -27.97
C GLU D 308 -12.13 12.07 -27.98
N HIS D 309 -12.47 10.87 -28.44
CA HIS D 309 -11.53 9.76 -28.31
C HIS D 309 -11.09 9.10 -29.64
C1 OLA E . -9.43 34.06 -23.06
O1 OLA E . -8.83 32.98 -22.91
O2 OLA E . -9.30 34.70 -24.14
C2 OLA E . -10.34 34.62 -21.98
C3 OLA E . -10.59 33.60 -20.87
C4 OLA E . -11.94 33.78 -20.18
C5 OLA E . -12.50 32.40 -19.84
C6 OLA E . -13.31 32.35 -18.54
C7 OLA E . -13.52 30.91 -18.06
C8 OLA E . -14.40 30.81 -16.82
C9 OLA E . -13.75 31.41 -15.59
C10 OLA E . -14.39 31.39 -14.42
C11 OLA E . -13.81 31.96 -13.14
C12 OLA E . -13.83 33.48 -13.22
C13 OLA E . -13.97 34.20 -11.88
C14 OLA E . -14.75 35.50 -12.10
C15 OLA E . -14.79 36.41 -10.89
C16 OLA E . -15.26 35.66 -9.65
C17 OLA E . -14.17 35.61 -8.58
C18 OLA E . -14.27 34.40 -7.67
C1 NAG F . -8.17 38.93 -44.84
C2 NAG F . -8.89 40.25 -45.10
C3 NAG F . -9.39 40.39 -46.53
C4 NAG F . -8.34 40.00 -47.56
C5 NAG F . -7.81 38.65 -47.13
C6 NAG F . -6.80 38.00 -48.06
C7 NAG F . -10.13 41.38 -43.38
C8 NAG F . -11.29 41.34 -42.43
N2 NAG F . -9.99 40.33 -44.16
O3 NAG F . -9.79 41.75 -46.72
O4 NAG F . -8.83 39.98 -48.92
O5 NAG F . -7.19 38.83 -45.86
O6 NAG F . -6.55 36.68 -47.56
O7 NAG F . -9.37 42.32 -43.42
C1 OLA G . -12.75 25.11 -27.97
O1 OLA G . -11.87 24.68 -27.15
O2 OLA G . -12.49 25.65 -29.08
C2 OLA G . -14.23 25.03 -27.59
C3 OLA G . -14.40 25.19 -26.07
C4 OLA G . -15.22 26.41 -25.62
C5 OLA G . -14.78 26.92 -24.24
C6 OLA G . -15.23 28.35 -23.97
C7 OLA G . -14.07 29.35 -23.89
C8 OLA G . -13.68 29.68 -22.45
C9 OLA G . -12.61 28.74 -21.98
C10 OLA G . -11.34 29.08 -22.17
C11 OLA G . -10.19 28.18 -21.73
C12 OLA G . -9.35 27.81 -22.96
C13 OLA G . -8.09 27.02 -22.59
C14 OLA G . -6.88 27.37 -23.46
C15 OLA G . -5.70 26.56 -22.94
C16 OLA G . -6.24 25.43 -22.05
C17 OLA G . -5.23 24.95 -21.02
C18 OLA G . -5.80 24.99 -19.61
C1 GOL H . 8.19 10.43 -34.24
O1 GOL H . 7.19 10.93 -35.15
C2 GOL H . 9.61 10.74 -34.73
O2 GOL H . 10.40 10.97 -33.56
C3 GOL H . 10.22 9.62 -35.58
O3 GOL H . 11.14 10.19 -36.53
H11 GOL H . 8.07 9.35 -34.16
H12 GOL H . 8.04 10.87 -33.26
HO1 GOL H . 6.92 11.83 -34.87
H2 GOL H . 9.57 11.61 -35.39
HO2 GOL H . 10.25 10.26 -32.91
H31 GOL H . 9.42 9.09 -36.11
H32 GOL H . 10.73 8.90 -34.94
HO3 GOL H . 11.80 10.72 -36.06
C1 GOL I . -25.02 34.69 -12.17
O1 GOL I . -25.89 33.62 -12.66
C2 GOL I . -25.70 35.39 -10.97
O2 GOL I . -25.82 34.37 -9.93
C3 GOL I . -24.89 36.56 -10.40
O3 GOL I . -25.13 37.85 -11.01
H11 GOL I . -24.84 35.41 -12.97
H12 GOL I . -24.07 34.27 -11.87
HO1 GOL I . -26.31 33.18 -11.90
H2 GOL I . -26.64 35.82 -11.32
HO2 GOL I . -24.95 34.11 -9.62
H31 GOL I . -23.82 36.33 -10.51
H32 GOL I . -25.11 36.64 -9.34
HO3 GOL I . -25.86 38.30 -10.55
CA CA J . -6.03 30.56 -25.88
C1 NAG K . 5.22 -39.09 47.35
C2 NAG K . 4.53 -40.04 48.33
C3 NAG K . 5.48 -40.62 49.41
C4 NAG K . 6.77 -41.13 48.78
C5 NAG K . 7.37 -40.00 47.96
C6 NAG K . 8.70 -40.38 47.31
C7 NAG K . 2.19 -39.98 48.93
C8 NAG K . 1.00 -39.17 49.32
N2 NAG K . 3.38 -39.39 48.96
O3 NAG K . 4.86 -41.69 50.14
O4 NAG K . 7.70 -41.55 49.79
O5 NAG K . 6.46 -39.66 46.91
O6 NAG K . 9.07 -39.34 46.41
O7 NAG K . 2.07 -41.14 48.59
C1 GOL L . 7.00 -25.56 13.58
O1 GOL L . 6.53 -24.80 14.71
C2 GOL L . 6.10 -26.79 13.34
O2 GOL L . 4.81 -26.51 12.76
C3 GOL L . 6.86 -27.71 12.38
O3 GOL L . 6.09 -27.89 11.19
H11 GOL L . 8.03 -25.89 13.77
H12 GOL L . 7.00 -24.93 12.70
HO1 GOL L . 6.83 -25.21 15.53
H2 GOL L . 5.91 -27.22 14.34
HO2 GOL L . 4.94 -26.12 11.87
H31 GOL L . 7.03 -28.68 12.86
H32 GOL L . 7.83 -27.28 12.15
HO3 GOL L . 5.30 -28.40 11.39
CA CA M . -14.97 -23.99 23.70
C1 OLA N . 32.40 -9.68 7.94
O1 OLA N . 31.59 -8.73 7.94
O2 OLA N . 31.97 -10.85 7.97
C2 OLA N . 33.90 -9.43 7.85
C3 OLA N . 34.61 -10.08 9.03
C4 OLA N . 36.10 -10.33 8.79
C5 OLA N . 36.97 -10.19 10.04
C6 OLA N . 36.88 -11.29 11.10
C7 OLA N . 38.09 -11.24 12.04
C8 OLA N . 38.27 -12.51 12.90
C9 OLA N . 39.74 -12.89 13.01
C10 OLA N . 40.35 -13.57 12.02
C11 OLA N . 41.81 -14.01 12.04
C12 OLA N . 42.33 -14.07 10.61
C13 OLA N . 43.86 -14.06 10.54
C14 OLA N . 44.40 -13.68 9.16
C15 OLA N . 45.65 -12.80 9.25
C16 OLA N . 46.46 -12.78 7.97
C17 OLA N . 47.60 -13.81 8.05
C18 OLA N . 48.97 -13.14 7.98
C1 OLA O . 27.46 -10.24 17.21
O1 OLA O . 28.14 -9.83 18.19
O2 OLA O . 26.70 -9.45 16.62
C2 OLA O . 27.54 -11.68 16.73
C3 OLA O . 28.58 -12.51 17.46
C4 OLA O . 28.86 -13.86 16.77
C5 OLA O . 29.93 -14.66 17.52
C6 OLA O . 30.99 -15.26 16.59
C7 OLA O . 32.27 -15.74 17.29
C8 OLA O . 33.56 -15.33 16.57
C9 OLA O . 34.59 -16.46 16.55
C10 OLA O . 35.87 -16.27 16.85
C11 OLA O . 36.85 -17.43 16.82
C12 OLA O . 38.28 -17.00 16.43
C13 OLA O . 38.97 -18.10 15.62
C14 OLA O . 40.22 -17.59 14.91
C15 OLA O . 40.63 -18.52 13.76
C1 NAG P . 17.16 6.12 7.19
C2 NAG P . 17.82 7.38 6.66
C3 NAG P . 17.10 8.63 7.13
C4 NAG P . 15.61 8.58 6.85
C5 NAG P . 15.04 7.28 7.42
C6 NAG P . 13.57 6.99 7.09
C7 NAG P . 20.20 7.62 6.23
C8 NAG P . 21.60 7.34 6.71
N2 NAG P . 19.20 7.38 7.10
O3 NAG P . 17.58 9.77 6.43
O4 NAG P . 14.97 9.79 7.36
O5 NAG P . 15.76 6.19 6.86
O6 NAG P . 13.08 5.81 7.78
O7 NAG P . 19.98 8.04 5.10
C1 GOL Q . 32.71 -9.64 15.84
O1 GOL Q . 32.46 -9.92 17.25
C2 GOL Q . 33.44 -10.82 15.20
O2 GOL Q . 32.91 -11.96 15.94
C3 GOL Q . 33.30 -11.23 13.74
O3 GOL Q . 33.60 -12.68 13.56
H11 GOL Q . 33.32 -8.73 15.74
H12 GOL Q . 31.77 -9.46 15.32
HO1 GOL Q . 32.21 -10.84 17.36
H2 GOL Q . 34.49 -10.49 15.23
HO2 GOL Q . 33.61 -12.63 16.02
H31 GOL Q . 33.99 -10.64 13.12
H32 GOL Q . 32.29 -11.02 13.39
HO3 GOL Q . 32.99 -13.19 14.10
C1 NAG R . -19.99 -7.22 -5.86
C2 NAG R . -20.77 -8.42 -6.43
C3 NAG R . -20.38 -9.71 -5.72
C4 NAG R . -18.86 -9.83 -5.75
C5 NAG R . -18.14 -8.56 -5.24
C6 NAG R . -16.62 -8.67 -5.36
C7 NAG R . -23.10 -8.21 -7.30
C8 NAG R . -24.55 -8.18 -6.93
N2 NAG R . -22.22 -8.28 -6.29
O3 NAG R . -21.03 -10.85 -6.30
O4 NAG R . -18.50 -10.98 -4.96
O5 NAG R . -18.59 -7.42 -5.97
O6 NAG R . -15.97 -7.42 -5.63
O7 NAG R . -22.76 -8.16 -8.46
C1 GOL S . -12.38 10.45 -18.30
O1 GOL S . -12.82 9.46 -17.37
C2 GOL S . -12.16 11.75 -17.54
O2 GOL S . -10.89 12.34 -17.88
C3 GOL S . -13.24 12.78 -17.85
O3 GOL S . -12.63 14.02 -18.22
H11 GOL S . -13.13 10.60 -19.09
H12 GOL S . -11.46 10.14 -18.80
HO1 GOL S . -13.77 9.54 -17.23
H2 GOL S . -12.20 11.49 -16.47
HO2 GOL S . -10.87 12.49 -18.85
H31 GOL S . -13.88 12.92 -16.97
H32 GOL S . -13.86 12.40 -18.67
HO3 GOL S . -12.21 14.42 -17.45
C1 OLA T . 3.73 19.38 -7.59
O1 OLA T . 4.61 20.23 -7.90
O2 OLA T . 3.96 18.35 -6.84
C2 OLA T . 2.34 19.62 -8.15
C3 OLA T . 2.05 18.71 -9.35
C4 OLA T . 0.61 18.99 -9.79
C5 OLA T . 0.39 18.46 -11.19
C6 OLA T . -0.97 17.83 -11.31
C7 OLA T . -0.96 16.83 -12.47
C8 OLA T . -2.27 16.96 -13.25
C9 OLA T . -3.32 16.25 -12.45
C10 OLA T . -3.32 14.92 -12.46
C11 OLA T . -4.39 14.15 -11.66
C12 OLA T . -3.87 13.82 -10.27
C13 OLA T . -4.96 13.88 -9.18
C14 OLA T . -6.17 12.97 -9.46
C15 OLA T . -6.75 12.41 -8.15
C16 OLA T . -8.21 12.01 -8.38
C17 OLA T . -8.81 11.13 -7.29
C18 OLA T . -10.27 10.83 -7.60
H21 OLA T . 2.24 20.66 -8.46
H22 OLA T . 1.60 19.42 -7.38
H31 OLA T . 2.17 17.66 -9.08
H32 OLA T . 2.75 18.93 -10.17
H41 OLA T . 0.42 20.05 -9.76
H42 OLA T . -0.08 18.50 -9.10
H51 OLA T . 1.17 17.71 -11.42
H52 OLA T . 0.50 19.27 -11.91
H61 OLA T . -1.72 18.60 -11.50
H62 OLA T . -1.23 17.33 -10.38
H71 OLA T . -0.87 15.81 -12.07
H72 OLA T . -0.11 17.01 -13.12
H81 OLA T . -2.53 18.01 -13.38
H82 OLA T . -2.16 16.51 -14.25
H9 OLA T . -4.05 16.80 -11.90
H10 OLA T . -2.59 14.37 -13.02
H111 OLA T . -5.29 14.77 -11.58
H112 OLA T . -4.65 13.24 -12.18
H121 OLA T . -3.08 14.52 -10.01
H122 OLA T . -3.44 12.82 -10.27
H131 OLA T . -5.32 14.91 -9.09
H132 OLA T . -4.52 13.60 -8.23
H141 OLA T . -5.87 12.15 -10.11
H142 OLA T . -6.94 13.54 -9.97
H151 OLA T . -6.69 13.16 -7.35
H152 OLA T . -6.17 11.53 -7.83
H161 OLA T . -8.27 11.49 -9.33
H162 OLA T . -8.80 12.92 -8.46
H171 OLA T . -8.73 11.63 -6.32
H172 OLA T . -8.24 10.19 -7.22
H181 OLA T . -10.86 11.67 -7.35
H182 OLA T . -10.59 9.99 -7.03
H183 OLA T . -10.37 10.60 -8.63
C1 OLA U . -7.09 18.55 -12.26
O1 OLA U . -6.39 17.75 -11.53
O2 OLA U . -6.99 18.54 -13.54
C2 OLA U . -8.08 19.51 -11.59
C3 OLA U . -9.31 19.82 -12.46
C4 OLA U . -10.57 20.23 -11.64
C5 OLA U . -11.88 20.13 -12.44
C6 OLA U . -12.13 18.75 -13.04
C7 OLA U . -13.46 18.13 -12.59
C8 OLA U . -13.29 16.83 -11.78
C9 OLA U . -12.44 15.72 -12.43
C10 OLA U . -11.08 15.77 -12.52
C11 OLA U . -10.24 14.68 -13.17
C12 OLA U . -8.78 15.10 -13.33
C13 OLA U . -7.81 13.91 -13.37
C14 OLA U . -8.34 12.77 -14.23
C15 OLA U . -7.17 11.86 -14.59
C16 OLA U . -6.87 11.98 -16.09
C17 OLA U . -7.98 11.39 -16.95
C18 OLA U . -7.82 11.80 -18.41
H21 OLA U . -7.57 20.45 -11.36
H22 OLA U . -8.41 19.08 -10.64
H31 OLA U . -9.56 18.93 -13.05
H32 OLA U . -9.07 20.63 -13.15
H41 OLA U . -10.44 21.25 -11.29
H42 OLA U . -10.64 19.57 -10.76
H51 OLA U . -11.85 20.87 -13.25
H52 OLA U . -12.71 20.39 -11.79
H61 OLA U . -11.32 18.08 -12.75
H62 OLA U . -12.12 18.83 -14.13
H71 OLA U . -14.07 17.92 -13.47
H72 OLA U . -14.00 18.86 -11.97
H81 OLA U . -14.29 16.42 -11.59
H82 OLA U . -12.84 17.09 -10.82
H9 OLA U . -12.93 14.86 -12.83
H10 OLA U . -10.58 16.64 -12.11
H111 OLA U . -10.66 14.43 -14.14
H112 OLA U . -10.29 13.78 -12.54
H121 OLA U . -8.51 15.77 -12.50
H122 OLA U . -8.69 15.67 -14.26
H131 OLA U . -7.65 13.54 -12.35
H132 OLA U . -6.85 14.24 -13.76
H141 OLA U . -8.81 13.17 -15.14
H142 OLA U . -9.11 12.21 -13.68
H151 OLA U . -7.41 10.83 -14.34
H152 OLA U . -6.29 12.15 -14.02
H161 OLA U . -5.93 11.47 -16.30
H162 OLA U . -6.74 13.04 -16.35
H171 OLA U . -8.95 11.73 -16.58
H172 OLA U . -7.95 10.30 -16.88
H181 OLA U . -7.98 12.85 -18.51
H182 OLA U . -8.54 11.29 -19.01
H183 OLA U . -6.85 11.56 -18.74
CA CA V . -11.92 26.10 -1.22
#